data_4G6H
#
_entry.id   4G6H
#
_cell.length_a   126.187
_cell.length_b   229.588
_cell.length_c   111.870
_cell.angle_alpha   90.00
_cell.angle_beta   90.00
_cell.angle_gamma   90.00
#
_symmetry.space_group_name_H-M   'C 2 2 21'
#
loop_
_entity.id
_entity.type
_entity.pdbx_description
1 polymer 'Rotenone-insensitive NADH-ubiquinone oxidoreductase, mitochondrial'
2 non-polymer 'FLAVIN-ADENINE DINUCLEOTIDE'
3 non-polymer '1,4-DIHYDRONICOTINAMIDE ADENINE DINUCLEOTIDE'
4 non-polymer 'MAGNESIUM ION'
5 water water
#
_entity_poly.entity_id   1
_entity_poly.type   'polypeptide(L)'
_entity_poly.pdbx_seq_one_letter_code
;MRGSHHHHHHGSSTRSTGVENSGAGPTSFKTMKVIDPQHSDKPNVLILGSGWGAISFLKHIDTKKYNVSIISPRSYFLFT
PLLPSAPVGTVDEKSIIEPIVNFALKKKGNVTYYEAEATSINPDRNTVTIKSLSAVSQLYQPENHLGLHQAEPAEIKYDY
LISAVGAEPNTFGIPGVTDYGHFLKEIPNSLEIRRTFAANLEKANLLPKGDPERRRLLSIVVVGGGPTGVEAAGELQDYV
HQDLRKFLPALAEEVQIHLVEALPIVLNMFEKKLSSYAQSHLENTSIKVHLRTAVAKVEEKQLLAKTKHEDGKITEETIP
YGTLIWATGNKARPVITDLFKKIPEQNSSKRGLAVNDFLQVKGSNNIFAIGDNAFAGLPPTAQVAHQEAEYLAKNFDKMA
QIPNFQKNLSSRKDKIDLLFEENNFKPFKYNDLGALAYLGSERAIATIRSGKRTFYTGGGLMTFYLWRILYLSMILSARS
RLKVFFDWIKLAFFKRDFFKGL
;
_entity_poly.pdbx_strand_id   A,B
#
# COMPACT_ATOMS: atom_id res chain seq x y z
N THR A 31 13.04 12.52 -37.09
CA THR A 31 13.10 11.26 -36.34
C THR A 31 12.60 11.44 -34.90
N MET A 32 12.69 12.67 -34.38
CA MET A 32 12.23 12.97 -33.03
C MET A 32 10.96 13.80 -33.09
N LYS A 33 9.86 13.23 -32.58
CA LYS A 33 8.57 13.91 -32.62
C LYS A 33 8.59 15.21 -31.81
N VAL A 34 7.87 16.23 -32.28
CA VAL A 34 7.82 17.53 -31.60
C VAL A 34 6.37 17.91 -31.38
N ILE A 35 6.00 18.13 -30.11
CA ILE A 35 4.63 18.51 -29.79
C ILE A 35 4.58 20.02 -29.70
N ASP A 36 3.72 20.65 -30.53
CA ASP A 36 3.66 22.11 -30.61
C ASP A 36 2.22 22.56 -30.85
N PRO A 37 1.51 22.91 -29.77
CA PRO A 37 0.08 23.22 -29.83
C PRO A 37 -0.19 24.67 -30.27
N GLN A 38 -0.66 24.88 -31.50
CA GLN A 38 -0.86 26.24 -31.98
C GLN A 38 -2.28 26.57 -32.46
N HIS A 39 -3.25 25.89 -31.88
CA HIS A 39 -4.65 26.15 -32.18
C HIS A 39 -5.22 27.14 -31.17
N SER A 40 -4.34 27.64 -30.31
CA SER A 40 -4.73 28.66 -29.34
C SER A 40 -3.79 29.87 -29.46
N ASP A 41 -4.30 31.03 -29.08
CA ASP A 41 -3.51 32.25 -29.04
C ASP A 41 -2.88 32.41 -27.66
N LYS A 42 -3.36 31.61 -26.70
CA LYS A 42 -2.80 31.59 -25.36
C LYS A 42 -1.38 31.07 -25.42
N PRO A 43 -0.48 31.65 -24.63
CA PRO A 43 0.88 31.13 -24.61
C PRO A 43 0.90 29.75 -23.95
N ASN A 44 1.84 28.91 -24.38
CA ASN A 44 2.01 27.57 -23.81
C ASN A 44 2.97 27.59 -22.65
N VAL A 45 2.44 27.38 -21.44
CA VAL A 45 3.24 27.29 -20.23
C VAL A 45 3.54 25.82 -19.92
N LEU A 46 4.83 25.49 -19.89
CA LEU A 46 5.27 24.15 -19.58
C LEU A 46 5.90 24.11 -18.19
N ILE A 47 5.39 23.21 -17.34
CA ILE A 47 5.87 23.04 -15.98
C ILE A 47 6.63 21.72 -15.86
N LEU A 48 7.83 21.77 -15.27
CA LEU A 48 8.57 20.54 -15.00
C LEU A 48 8.47 20.25 -13.50
N GLY A 49 7.91 19.08 -13.20
CA GLY A 49 7.82 18.58 -11.84
C GLY A 49 6.39 18.45 -11.37
N SER A 50 6.19 17.73 -10.27
CA SER A 50 4.88 17.69 -9.62
C SER A 50 5.07 17.77 -8.10
N GLY A 51 5.99 18.62 -7.67
CA GLY A 51 6.27 18.81 -6.25
C GLY A 51 5.78 20.14 -5.70
N TRP A 52 6.43 20.63 -4.65
CA TRP A 52 5.98 21.87 -4.01
C TRP A 52 5.93 23.05 -4.98
N GLY A 53 6.97 23.21 -5.78
CA GLY A 53 7.01 24.34 -6.69
C GLY A 53 5.97 24.18 -7.78
N ALA A 54 6.02 23.06 -8.50
CA ALA A 54 5.13 22.80 -9.62
C ALA A 54 3.66 22.87 -9.24
N ILE A 55 3.30 22.18 -8.16
CA ILE A 55 1.88 22.09 -7.81
C ILE A 55 1.33 23.41 -7.24
N SER A 56 2.11 24.08 -6.39
CA SER A 56 1.69 25.37 -5.89
C SER A 56 1.49 26.35 -7.06
N PHE A 57 2.42 26.34 -8.01
CA PHE A 57 2.27 27.15 -9.21
C PHE A 57 1.01 26.79 -9.99
N LEU A 58 0.81 25.49 -10.23
CA LEU A 58 -0.39 24.99 -10.91
C LEU A 58 -1.67 25.52 -10.27
N LYS A 59 -1.70 25.55 -8.94
CA LYS A 59 -2.90 25.95 -8.22
C LYS A 59 -3.24 27.41 -8.45
N HIS A 60 -2.22 28.24 -8.66
CA HIS A 60 -2.44 29.68 -8.83
C HIS A 60 -2.41 30.21 -10.28
N ILE A 61 -1.78 29.50 -11.20
CA ILE A 61 -1.67 29.97 -12.60
C ILE A 61 -3.06 30.08 -13.24
N ASP A 62 -3.27 31.10 -14.05
CA ASP A 62 -4.58 31.33 -14.68
C ASP A 62 -4.68 30.56 -16.00
N THR A 63 -5.51 29.52 -16.01
CA THR A 63 -5.60 28.66 -17.18
C THR A 63 -6.57 29.21 -18.24
N LYS A 64 -7.26 30.28 -17.90
CA LYS A 64 -8.04 31.02 -18.88
C LYS A 64 -7.10 31.85 -19.78
N LYS A 65 -5.96 32.27 -19.24
CA LYS A 65 -5.00 33.09 -19.98
C LYS A 65 -3.87 32.25 -20.59
N TYR A 66 -3.64 31.08 -20.03
CA TYR A 66 -2.52 30.25 -20.47
C TYR A 66 -2.93 28.81 -20.73
N ASN A 67 -2.21 28.15 -21.62
CA ASN A 67 -2.32 26.72 -21.75
C ASN A 67 -1.20 26.11 -20.95
N VAL A 68 -1.58 25.25 -20.03
CA VAL A 68 -0.63 24.63 -19.11
C VAL A 68 -0.40 23.15 -19.42
N SER A 69 0.87 22.80 -19.59
CA SER A 69 1.26 21.41 -19.64
C SER A 69 2.23 21.16 -18.47
N ILE A 70 2.27 19.90 -18.01
CA ILE A 70 3.14 19.47 -16.91
C ILE A 70 3.89 18.21 -17.32
N ILE A 71 5.20 18.19 -17.08
CA ILE A 71 5.97 16.98 -17.27
C ILE A 71 6.56 16.53 -15.92
N SER A 72 6.22 15.32 -15.52
CA SER A 72 6.76 14.73 -14.29
C SER A 72 6.65 13.21 -14.31
N PRO A 73 7.73 12.53 -13.86
CA PRO A 73 7.74 11.07 -13.79
C PRO A 73 6.92 10.55 -12.61
N ARG A 74 6.50 11.46 -11.75
CA ARG A 74 5.73 11.07 -10.56
C ARG A 74 4.31 11.62 -10.70
N SER A 75 3.32 10.74 -10.80
CA SER A 75 1.95 11.22 -11.11
C SER A 75 1.20 11.86 -9.94
N TYR A 76 1.89 12.11 -8.84
CA TYR A 76 1.23 12.64 -7.63
C TYR A 76 2.13 13.68 -6.97
N PHE A 77 1.51 14.57 -6.20
CA PHE A 77 2.22 15.49 -5.34
C PHE A 77 2.52 14.79 -4.01
N LEU A 78 3.73 14.96 -3.48
CA LEU A 78 4.10 14.35 -2.21
C LEU A 78 4.19 15.44 -1.14
N PHE A 79 3.41 15.29 -0.06
CA PHE A 79 3.54 16.20 1.08
C PHE A 79 4.77 15.79 1.89
N THR A 80 5.94 16.26 1.49
CA THR A 80 7.19 15.80 2.10
C THR A 80 7.30 15.89 3.65
N PRO A 81 6.65 16.88 4.29
CA PRO A 81 6.94 16.96 5.73
C PRO A 81 6.46 15.76 6.54
N LEU A 82 5.54 14.95 6.01
CA LEU A 82 5.07 13.76 6.72
C LEU A 82 5.73 12.49 6.21
N LEU A 83 6.62 12.62 5.23
CA LEU A 83 7.33 11.43 4.74
C LEU A 83 8.06 10.66 5.85
N PRO A 84 8.78 11.33 6.77
CA PRO A 84 9.47 10.58 7.84
C PRO A 84 8.50 9.76 8.68
N SER A 85 7.22 10.11 8.67
CA SER A 85 6.28 9.40 9.53
C SER A 85 5.56 8.24 8.79
N ALA A 86 5.89 8.04 7.51
CA ALA A 86 5.31 6.95 6.71
C ALA A 86 5.97 5.55 6.88
N PRO A 87 7.31 5.47 6.99
CA PRO A 87 7.90 4.13 7.02
C PRO A 87 7.33 3.26 8.13
N VAL A 88 6.91 3.87 9.24
CA VAL A 88 6.40 3.09 10.37
C VAL A 88 4.88 3.11 10.47
N GLY A 89 4.21 3.71 9.49
CA GLY A 89 2.75 3.65 9.52
C GLY A 89 2.08 4.64 10.47
N THR A 90 2.83 5.66 10.92
CA THR A 90 2.19 6.72 11.68
C THR A 90 1.14 7.38 10.78
N VAL A 91 1.53 7.63 9.53
CA VAL A 91 0.52 7.87 8.49
C VAL A 91 0.81 6.86 7.41
N ASP A 92 -0.16 6.63 6.54
CA ASP A 92 0.04 5.72 5.42
C ASP A 92 0.61 6.48 4.19
N GLU A 93 1.38 5.79 3.36
CA GLU A 93 1.92 6.43 2.15
C GLU A 93 0.84 7.09 1.29
N LYS A 94 -0.31 6.43 1.14
CA LYS A 94 -1.39 7.00 0.32
C LYS A 94 -1.96 8.29 0.89
N SER A 95 -1.87 8.46 2.21
CA SER A 95 -2.46 9.63 2.88
C SER A 95 -1.75 10.91 2.55
N ILE A 96 -0.46 10.82 2.21
CA ILE A 96 0.32 12.05 2.10
C ILE A 96 0.65 12.38 0.66
N ILE A 97 0.00 11.68 -0.26
CA ILE A 97 0.17 11.99 -1.69
C ILE A 97 -1.18 12.35 -2.32
N GLU A 98 -1.14 13.15 -3.37
CA GLU A 98 -2.37 13.54 -4.05
C GLU A 98 -2.11 13.53 -5.57
N PRO A 99 -2.90 12.76 -6.35
CA PRO A 99 -2.71 12.70 -7.81
C PRO A 99 -2.73 14.10 -8.45
N ILE A 100 -1.81 14.36 -9.38
CA ILE A 100 -1.76 15.63 -10.11
C ILE A 100 -3.10 15.98 -10.75
N VAL A 101 -3.74 14.97 -11.33
CA VAL A 101 -5.01 15.14 -12.02
C VAL A 101 -6.07 15.79 -11.13
N ASN A 102 -6.11 15.42 -9.85
CA ASN A 102 -7.02 16.06 -8.88
C ASN A 102 -6.85 17.58 -8.79
N PHE A 103 -5.62 18.08 -8.83
CA PHE A 103 -5.43 19.51 -8.84
C PHE A 103 -5.86 20.06 -10.20
N ALA A 104 -5.48 19.34 -11.25
CA ALA A 104 -5.69 19.81 -12.62
C ALA A 104 -7.17 19.95 -12.94
N LEU A 105 -7.98 19.08 -12.36
CA LEU A 105 -9.44 19.09 -12.52
C LEU A 105 -10.10 20.35 -11.98
N LYS A 106 -9.45 21.00 -11.01
CA LYS A 106 -9.97 22.25 -10.42
C LYS A 106 -9.77 23.43 -11.37
N LYS A 107 -8.97 23.23 -12.41
CA LYS A 107 -8.61 24.33 -13.29
C LYS A 107 -9.67 24.52 -14.37
N LYS A 108 -9.89 25.77 -14.77
CA LYS A 108 -10.98 26.08 -15.70
C LYS A 108 -10.61 25.76 -17.12
N GLY A 109 -9.33 25.95 -17.47
CA GLY A 109 -8.87 25.76 -18.83
C GLY A 109 -8.30 24.39 -19.17
N ASN A 110 -7.37 24.37 -20.12
CA ASN A 110 -6.77 23.15 -20.63
C ASN A 110 -5.46 22.75 -19.95
N VAL A 111 -5.50 21.71 -19.13
CA VAL A 111 -4.27 21.18 -18.55
C VAL A 111 -3.93 19.81 -19.13
N THR A 112 -2.66 19.61 -19.48
CA THR A 112 -2.18 18.34 -19.99
C THR A 112 -1.04 17.88 -19.10
N TYR A 113 -1.04 16.60 -18.74
CA TYR A 113 0.01 16.06 -17.91
C TYR A 113 0.69 14.91 -18.63
N TYR A 114 1.99 15.07 -18.87
CA TYR A 114 2.84 13.99 -19.43
C TYR A 114 3.55 13.27 -18.29
N GLU A 115 3.24 12.00 -18.10
CA GLU A 115 3.96 11.22 -17.10
C GLU A 115 5.23 10.72 -17.79
N ALA A 116 6.32 11.44 -17.55
CA ALA A 116 7.59 11.21 -18.22
C ALA A 116 8.65 12.02 -17.47
N GLU A 117 9.90 11.76 -17.81
CA GLU A 117 11.03 12.46 -17.21
C GLU A 117 11.67 13.46 -18.21
N ALA A 118 11.81 14.73 -17.81
CA ALA A 118 12.55 15.66 -18.65
C ALA A 118 14.01 15.24 -18.62
N THR A 119 14.60 15.00 -19.79
CA THR A 119 16.01 14.61 -19.83
C THR A 119 16.90 15.71 -20.41
N SER A 120 16.30 16.64 -21.13
CA SER A 120 17.09 17.72 -21.71
C SER A 120 16.25 18.94 -21.90
N ILE A 121 16.73 20.04 -21.36
CA ILE A 121 16.10 21.31 -21.59
C ILE A 121 16.88 21.94 -22.74
N ASN A 122 16.17 22.42 -23.76
CA ASN A 122 16.80 22.88 -25.01
C ASN A 122 16.41 24.33 -25.26
N PRO A 123 17.15 25.26 -24.62
CA PRO A 123 16.67 26.64 -24.48
C PRO A 123 16.56 27.37 -25.84
N ASP A 124 17.47 27.07 -26.74
CA ASP A 124 17.50 27.81 -28.01
C ASP A 124 16.38 27.42 -28.98
N ARG A 125 15.85 26.20 -28.87
CA ARG A 125 14.67 25.82 -29.64
C ARG A 125 13.38 25.77 -28.82
N ASN A 126 13.46 26.23 -27.56
CA ASN A 126 12.31 26.27 -26.65
C ASN A 126 11.63 24.92 -26.55
N THR A 127 12.41 23.90 -26.25
CA THR A 127 11.86 22.58 -26.21
C THR A 127 12.36 21.83 -24.98
N VAL A 128 11.54 20.91 -24.47
CA VAL A 128 12.02 19.93 -23.48
C VAL A 128 11.94 18.50 -24.03
N THR A 129 13.07 17.79 -23.97
CA THR A 129 13.11 16.42 -24.37
C THR A 129 12.64 15.52 -23.23
N ILE A 130 11.70 14.63 -23.51
CA ILE A 130 11.22 13.70 -22.50
C ILE A 130 11.51 12.25 -22.84
N LYS A 131 11.75 11.44 -21.83
CA LYS A 131 11.87 10.01 -21.98
C LYS A 131 11.10 9.25 -20.90
N SER A 132 11.09 7.93 -20.99
CA SER A 132 10.31 7.08 -20.12
C SER A 132 8.85 7.49 -20.03
N LEU A 133 8.29 7.93 -21.15
CA LEU A 133 6.88 8.32 -21.21
C LEU A 133 5.98 7.12 -20.88
N SER A 134 5.11 7.25 -19.87
CA SER A 134 4.17 6.19 -19.54
C SER A 134 2.75 6.54 -19.93
N ALA A 135 2.41 7.82 -19.90
CA ALA A 135 1.01 8.22 -20.06
C ALA A 135 0.92 9.70 -20.42
N VAL A 136 -0.15 10.05 -21.13
CA VAL A 136 -0.47 11.45 -21.34
C VAL A 136 -1.95 11.67 -21.05
N SER A 137 -2.26 12.63 -20.21
CA SER A 137 -3.64 12.91 -19.89
C SER A 137 -4.04 14.33 -20.28
N GLN A 138 -4.99 14.44 -21.22
CA GLN A 138 -5.48 15.75 -21.64
C GLN A 138 -6.84 15.99 -20.99
N LEU A 139 -6.83 16.84 -19.98
CA LEU A 139 -8.07 17.05 -19.22
C LEU A 139 -8.92 18.11 -19.92
N TYR A 140 -9.27 17.85 -21.18
CA TYR A 140 -10.16 18.73 -21.93
C TYR A 140 -10.86 17.99 -23.03
N GLN A 141 -12.12 18.36 -23.25
CA GLN A 141 -13.10 17.55 -23.98
C GLN A 141 -12.69 17.23 -25.43
N PRO A 142 -12.44 18.25 -26.27
CA PRO A 142 -11.96 17.85 -27.59
C PRO A 142 -10.44 17.77 -27.58
N GLU A 143 -9.94 16.56 -27.41
CA GLU A 143 -8.51 16.33 -27.38
C GLU A 143 -7.97 16.30 -28.80
N ASN A 144 -6.66 16.52 -28.93
CA ASN A 144 -5.96 16.29 -30.18
C ASN A 144 -5.03 15.09 -30.02
N HIS A 145 -5.24 14.06 -30.83
CA HIS A 145 -4.38 12.89 -30.73
C HIS A 145 -2.94 13.29 -31.04
N LEU A 146 -2.06 13.09 -30.06
CA LEU A 146 -0.68 13.54 -30.15
C LEU A 146 0.19 12.57 -30.90
N GLY A 147 -0.25 11.32 -30.96
CA GLY A 147 0.49 10.27 -31.64
C GLY A 147 1.75 9.85 -30.92
N LEU A 148 1.76 9.98 -29.60
CA LEU A 148 2.92 9.53 -28.83
C LEU A 148 2.85 8.04 -28.53
N HIS A 149 4.01 7.45 -28.23
CA HIS A 149 4.10 6.04 -27.85
C HIS A 149 4.94 5.92 -26.58
N GLN A 150 4.67 4.89 -25.77
CA GLN A 150 5.44 4.71 -24.54
C GLN A 150 6.89 4.44 -24.86
N ALA A 151 7.77 4.98 -24.03
CA ALA A 151 9.20 4.82 -24.22
C ALA A 151 9.67 5.33 -25.60
N GLU A 152 8.84 6.13 -26.26
CA GLU A 152 9.28 6.86 -27.45
C GLU A 152 9.62 8.28 -26.99
N PRO A 153 10.87 8.70 -27.23
CA PRO A 153 11.31 10.06 -26.89
C PRO A 153 10.54 11.09 -27.69
N ALA A 154 10.39 12.28 -27.12
CA ALA A 154 9.69 13.38 -27.77
C ALA A 154 10.23 14.70 -27.23
N GLU A 155 9.92 15.78 -27.93
CA GLU A 155 10.26 17.12 -27.49
C GLU A 155 8.98 17.91 -27.33
N ILE A 156 8.85 18.63 -26.22
CA ILE A 156 7.66 19.42 -25.98
C ILE A 156 8.02 20.90 -26.04
N LYS A 157 7.28 21.63 -26.86
CA LYS A 157 7.60 23.00 -27.21
C LYS A 157 6.92 23.89 -26.19
N TYR A 158 7.58 24.96 -25.76
CA TYR A 158 6.96 25.87 -24.81
C TYR A 158 7.14 27.33 -25.24
N ASP A 159 6.26 28.19 -24.75
CA ASP A 159 6.45 29.63 -24.83
C ASP A 159 7.17 30.06 -23.55
N TYR A 160 6.69 29.52 -22.42
CA TYR A 160 7.28 29.75 -21.10
C TYR A 160 7.54 28.41 -20.42
N LEU A 161 8.75 28.26 -19.87
CA LEU A 161 9.12 27.09 -19.12
C LEU A 161 9.24 27.43 -17.62
N ILE A 162 8.60 26.63 -16.77
CA ILE A 162 8.75 26.73 -15.30
C ILE A 162 9.41 25.45 -14.76
N SER A 163 10.70 25.53 -14.41
CA SER A 163 11.46 24.37 -13.99
C SER A 163 11.36 24.20 -12.45
N ALA A 164 10.78 23.08 -12.01
CA ALA A 164 10.70 22.77 -10.58
C ALA A 164 10.91 21.28 -10.33
N VAL A 165 12.05 20.76 -10.76
CA VAL A 165 12.29 19.33 -10.69
C VAL A 165 12.98 18.96 -9.38
N GLY A 166 13.19 19.97 -8.54
CA GLY A 166 13.75 19.73 -7.22
C GLY A 166 15.20 19.29 -7.31
N ALA A 167 15.61 18.49 -6.34
CA ALA A 167 17.01 18.07 -6.26
C ALA A 167 17.06 16.61 -5.85
N GLU A 168 18.23 16.01 -5.90
CA GLU A 168 18.34 14.60 -5.56
C GLU A 168 19.34 14.39 -4.42
N PRO A 169 19.19 13.27 -3.67
CA PRO A 169 20.03 13.04 -2.49
C PRO A 169 21.52 13.05 -2.77
N ASN A 170 22.26 13.70 -1.88
CA ASN A 170 23.71 13.85 -2.00
C ASN A 170 24.43 12.83 -1.12
N THR A 171 25.34 12.06 -1.71
CA THR A 171 26.14 11.11 -0.91
C THR A 171 27.49 11.71 -0.49
N PHE A 172 27.80 12.89 -1.03
CA PHE A 172 29.12 13.50 -0.85
C PHE A 172 30.26 12.56 -1.23
N GLY A 173 29.99 11.64 -2.16
CA GLY A 173 31.00 10.67 -2.57
C GLY A 173 31.41 9.62 -1.53
N ILE A 174 30.74 9.60 -0.37
CA ILE A 174 31.03 8.56 0.62
C ILE A 174 30.75 7.18 0.01
N PRO A 175 31.71 6.25 0.11
CA PRO A 175 31.49 4.96 -0.56
C PRO A 175 30.41 4.12 0.14
N GLY A 176 29.59 3.44 -0.67
CA GLY A 176 28.61 2.50 -0.16
C GLY A 176 27.22 3.02 0.20
N VAL A 177 27.05 4.33 0.36
CA VAL A 177 25.74 4.82 0.82
C VAL A 177 24.60 4.45 -0.12
N THR A 178 24.86 4.57 -1.41
CA THR A 178 23.88 4.21 -2.43
C THR A 178 23.57 2.71 -2.44
N ASP A 179 24.58 1.88 -2.29
CA ASP A 179 24.37 0.43 -2.34
C ASP A 179 23.73 -0.15 -1.07
N TYR A 180 24.07 0.43 0.07
CA TYR A 180 23.78 -0.23 1.34
C TYR A 180 22.82 0.53 2.26
N GLY A 181 22.57 1.78 1.95
CA GLY A 181 21.69 2.59 2.77
C GLY A 181 20.37 2.91 2.07
N HIS A 182 19.52 3.68 2.74
CA HIS A 182 18.30 4.14 2.11
C HIS A 182 18.25 5.65 2.21
N PHE A 183 17.84 6.33 1.14
CA PHE A 183 17.53 7.74 1.28
C PHE A 183 16.13 7.86 1.86
N LEU A 184 15.76 9.07 2.27
CA LEU A 184 14.39 9.28 2.68
C LEU A 184 13.89 10.50 1.92
N LYS A 185 13.43 10.29 0.69
CA LYS A 185 13.20 11.39 -0.24
C LYS A 185 11.88 11.23 -1.00
N GLU A 186 11.51 9.98 -1.29
CA GLU A 186 10.35 9.65 -2.10
C GLU A 186 9.64 8.46 -1.47
N ILE A 187 8.37 8.30 -1.84
CA ILE A 187 7.55 7.20 -1.36
C ILE A 187 8.22 5.83 -1.41
N PRO A 188 8.85 5.47 -2.55
CA PRO A 188 9.48 4.15 -2.53
C PRO A 188 10.53 3.98 -1.42
N ASN A 189 11.18 5.06 -1.01
CA ASN A 189 12.14 4.94 0.09
C ASN A 189 11.47 4.46 1.39
N SER A 190 10.24 4.90 1.61
CA SER A 190 9.52 4.62 2.83
C SER A 190 9.21 3.13 2.84
N LEU A 191 8.79 2.63 1.69
CA LEU A 191 8.54 1.21 1.49
C LEU A 191 9.81 0.38 1.71
N GLU A 192 10.93 0.79 1.09
CA GLU A 192 12.21 0.09 1.22
C GLU A 192 12.63 0.05 2.67
N ILE A 193 12.56 1.19 3.35
CA ILE A 193 12.97 1.26 4.76
C ILE A 193 12.11 0.29 5.61
N ARG A 194 10.79 0.33 5.44
CA ARG A 194 9.93 -0.60 6.17
C ARG A 194 10.31 -2.07 5.90
N ARG A 195 10.55 -2.39 4.64
CA ARG A 195 10.85 -3.78 4.24
C ARG A 195 12.16 -4.27 4.85
N THR A 196 13.19 -3.42 4.83
CA THR A 196 14.47 -3.73 5.46
C THR A 196 14.29 -3.98 6.98
N PHE A 197 13.70 -3.02 7.68
CA PHE A 197 13.60 -3.09 9.14
C PHE A 197 12.75 -4.29 9.56
N ALA A 198 11.61 -4.49 8.88
CA ALA A 198 10.73 -5.60 9.19
C ALA A 198 11.44 -6.95 9.02
N ALA A 199 12.19 -7.05 7.92
CA ALA A 199 12.94 -8.28 7.62
C ALA A 199 13.98 -8.50 8.71
N ASN A 200 14.71 -7.44 9.08
CA ASN A 200 15.67 -7.53 10.17
C ASN A 200 15.05 -7.96 11.49
N LEU A 201 13.86 -7.42 11.80
CA LEU A 201 13.17 -7.77 13.04
C LEU A 201 12.84 -9.27 13.08
N GLU A 202 12.45 -9.81 11.93
CA GLU A 202 12.12 -11.22 11.87
C GLU A 202 13.33 -12.12 12.08
N LYS A 203 14.45 -11.82 11.40
CA LYS A 203 15.65 -12.60 11.57
C LYS A 203 16.17 -12.50 12.99
N ALA A 204 16.19 -11.28 13.52
CA ALA A 204 16.77 -11.04 14.82
C ALA A 204 16.02 -11.83 15.88
N ASN A 205 14.71 -11.97 15.72
CA ASN A 205 13.93 -12.56 16.80
C ASN A 205 14.13 -14.08 16.85
N LEU A 206 14.70 -14.66 15.79
CA LEU A 206 15.01 -16.09 15.72
C LEU A 206 16.33 -16.41 16.41
N LEU A 207 17.13 -15.37 16.63
CA LEU A 207 18.46 -15.49 17.21
C LEU A 207 18.31 -15.38 18.72
N PRO A 208 19.21 -16.04 19.47
CA PRO A 208 19.05 -15.98 20.93
C PRO A 208 19.47 -14.62 21.48
N LYS A 209 18.86 -14.16 22.56
CA LYS A 209 19.24 -12.90 23.19
C LYS A 209 20.74 -12.82 23.45
N GLY A 210 21.33 -11.67 23.15
CA GLY A 210 22.75 -11.45 23.37
C GLY A 210 23.58 -11.79 22.14
N ASP A 211 22.96 -12.41 21.15
CA ASP A 211 23.73 -12.72 19.96
C ASP A 211 24.11 -11.39 19.34
N PRO A 212 25.39 -11.24 18.97
CA PRO A 212 25.86 -9.96 18.42
C PRO A 212 25.20 -9.69 17.06
N GLU A 213 24.89 -10.74 16.31
CA GLU A 213 24.24 -10.56 15.03
C GLU A 213 22.82 -10.05 15.25
N ARG A 214 22.19 -10.55 16.30
CA ARG A 214 20.85 -10.11 16.64
C ARG A 214 20.91 -8.63 16.96
N ARG A 215 21.90 -8.24 17.76
CA ARG A 215 22.12 -6.85 18.12
C ARG A 215 22.30 -5.98 16.87
N ARG A 216 23.00 -6.51 15.87
CA ARG A 216 23.28 -5.75 14.67
C ARG A 216 21.99 -5.52 13.91
N LEU A 217 21.21 -6.60 13.76
CA LEU A 217 19.99 -6.54 12.99
C LEU A 217 18.98 -5.59 13.60
N LEU A 218 19.11 -5.36 14.90
CA LEU A 218 18.18 -4.51 15.62
C LEU A 218 18.71 -3.08 15.75
N SER A 219 19.77 -2.77 15.02
CA SER A 219 20.35 -1.45 15.15
C SER A 219 20.06 -0.65 13.88
N ILE A 220 19.70 0.61 14.07
CA ILE A 220 19.40 1.52 12.96
C ILE A 220 20.29 2.75 13.07
N VAL A 221 20.90 3.12 11.95
CA VAL A 221 21.70 4.32 11.91
C VAL A 221 21.05 5.34 10.98
N VAL A 222 20.74 6.51 11.54
CA VAL A 222 20.23 7.61 10.76
C VAL A 222 21.34 8.65 10.63
N VAL A 223 21.75 8.94 9.41
CA VAL A 223 22.83 9.89 9.19
C VAL A 223 22.25 11.24 8.78
N GLY A 224 22.54 12.27 9.56
CA GLY A 224 22.04 13.59 9.28
C GLY A 224 21.16 14.06 10.41
N GLY A 225 21.59 15.12 11.10
CA GLY A 225 20.92 15.61 12.27
C GLY A 225 20.04 16.81 11.98
N GLY A 226 19.63 16.96 10.71
CA GLY A 226 18.62 17.96 10.37
C GLY A 226 17.27 17.43 10.81
N PRO A 227 16.21 18.23 10.61
CA PRO A 227 14.86 17.77 10.98
C PRO A 227 14.42 16.47 10.28
N THR A 228 14.90 16.21 9.07
CA THR A 228 14.54 14.95 8.39
C THR A 228 15.08 13.72 9.16
N GLY A 229 16.37 13.74 9.50
CA GLY A 229 16.99 12.65 10.23
C GLY A 229 16.39 12.51 11.63
N VAL A 230 16.20 13.65 12.29
CA VAL A 230 15.64 13.66 13.63
C VAL A 230 14.24 13.10 13.65
N GLU A 231 13.38 13.56 12.75
CA GLU A 231 12.01 13.10 12.71
C GLU A 231 11.93 11.61 12.33
N ALA A 232 12.83 11.16 11.45
CA ALA A 232 12.91 9.76 11.05
C ALA A 232 13.24 8.90 12.27
N ALA A 233 14.27 9.33 13.00
CA ALA A 233 14.71 8.63 14.21
C ALA A 233 13.59 8.59 15.25
N GLY A 234 12.99 9.74 15.51
CA GLY A 234 11.90 9.80 16.49
C GLY A 234 10.71 8.90 16.12
N GLU A 235 10.37 8.85 14.83
CA GLU A 235 9.25 8.03 14.38
C GLU A 235 9.54 6.54 14.54
N LEU A 236 10.75 6.14 14.16
CA LEU A 236 11.17 4.75 14.37
C LEU A 236 11.16 4.36 15.84
N GLN A 237 11.66 5.26 16.69
CA GLN A 237 11.66 5.01 18.13
C GLN A 237 10.23 4.92 18.64
N ASP A 238 9.33 5.74 18.09
CA ASP A 238 7.92 5.66 18.45
C ASP A 238 7.34 4.28 18.16
N TYR A 239 7.60 3.78 16.95
CA TYR A 239 7.09 2.47 16.57
C TYR A 239 7.61 1.40 17.53
N VAL A 240 8.92 1.43 17.79
CA VAL A 240 9.56 0.43 18.64
C VAL A 240 9.00 0.45 20.06
N HIS A 241 8.90 1.64 20.62
CA HIS A 241 8.47 1.78 22.00
C HIS A 241 6.97 1.59 22.18
N GLN A 242 6.16 2.07 21.23
CA GLN A 242 4.71 2.05 21.44
C GLN A 242 4.03 0.80 20.91
N ASP A 243 4.56 0.22 19.84
CA ASP A 243 3.86 -0.86 19.13
C ASP A 243 4.60 -2.18 19.25
N LEU A 244 5.82 -2.24 18.73
CA LEU A 244 6.62 -3.46 18.82
C LEU A 244 6.71 -3.98 20.26
N ARG A 245 6.89 -3.06 21.20
CA ARG A 245 7.02 -3.42 22.61
C ARG A 245 5.79 -4.19 23.16
N LYS A 246 4.60 -3.87 22.64
CA LYS A 246 3.37 -4.54 23.04
C LYS A 246 3.39 -6.03 22.78
N PHE A 247 4.11 -6.48 21.76
CA PHE A 247 4.04 -7.92 21.50
C PHE A 247 5.39 -8.63 21.56
N LEU A 248 6.47 -7.90 21.32
CA LEU A 248 7.79 -8.48 21.40
C LEU A 248 8.71 -7.59 22.26
N PRO A 249 8.38 -7.46 23.57
CA PRO A 249 9.05 -6.45 24.41
C PRO A 249 10.57 -6.67 24.56
N ALA A 250 11.01 -7.92 24.61
CA ALA A 250 12.44 -8.21 24.70
C ALA A 250 13.16 -7.69 23.48
N LEU A 251 12.60 -7.99 22.31
CA LEU A 251 13.14 -7.52 21.05
C LEU A 251 13.21 -5.99 21.00
N ALA A 252 12.09 -5.33 21.29
CA ALA A 252 12.01 -3.87 21.31
C ALA A 252 13.08 -3.27 22.21
N GLU A 253 13.28 -3.85 23.39
CA GLU A 253 14.24 -3.30 24.34
C GLU A 253 15.67 -3.34 23.77
N GLU A 254 15.98 -4.32 22.94
CA GLU A 254 17.31 -4.39 22.31
C GLU A 254 17.52 -3.51 21.07
N VAL A 255 16.47 -2.93 20.48
CA VAL A 255 16.78 -2.10 19.33
C VAL A 255 17.55 -0.86 19.73
N GLN A 256 18.48 -0.44 18.88
CA GLN A 256 19.27 0.75 19.19
C GLN A 256 19.28 1.63 17.95
N ILE A 257 18.72 2.82 18.09
CA ILE A 257 18.75 3.79 17.01
C ILE A 257 19.89 4.79 17.25
N HIS A 258 20.68 5.02 16.21
CA HIS A 258 21.76 6.00 16.26
C HIS A 258 21.44 7.17 15.32
N LEU A 259 21.64 8.40 15.82
CA LEU A 259 21.60 9.61 14.99
C LEU A 259 23.04 10.13 14.87
N VAL A 260 23.55 10.20 13.65
CA VAL A 260 24.93 10.63 13.46
C VAL A 260 24.96 11.99 12.75
N GLU A 261 25.55 13.00 13.39
CA GLU A 261 25.58 14.37 12.86
C GLU A 261 26.97 14.96 12.95
N ALA A 262 27.44 15.52 11.82
CA ALA A 262 28.80 16.03 11.70
C ALA A 262 29.06 17.29 12.53
N LEU A 263 28.04 18.13 12.66
CA LEU A 263 28.16 19.38 13.39
C LEU A 263 28.07 19.12 14.91
N PRO A 264 28.36 20.14 15.72
CA PRO A 264 28.32 19.95 17.18
C PRO A 264 26.92 19.96 17.78
N ILE A 265 25.89 20.35 17.04
CA ILE A 265 24.51 20.27 17.53
C ILE A 265 23.57 19.74 16.46
N VAL A 266 22.42 19.23 16.87
CA VAL A 266 21.40 18.84 15.88
C VAL A 266 20.52 20.05 15.64
N LEU A 267 19.76 20.02 14.54
CA LEU A 267 18.76 21.04 14.28
C LEU A 267 19.36 22.45 14.36
N ASN A 268 20.49 22.66 13.68
CA ASN A 268 21.22 23.91 13.76
C ASN A 268 20.47 25.13 13.19
N MET A 269 19.36 24.92 12.48
CA MET A 269 18.58 26.05 12.01
C MET A 269 17.71 26.66 13.12
N PHE A 270 17.56 25.95 14.23
CA PHE A 270 16.79 26.48 15.38
C PHE A 270 17.74 27.16 16.37
N GLU A 271 17.17 27.92 17.31
CA GLU A 271 17.95 28.46 18.44
C GLU A 271 18.62 27.31 19.20
N LYS A 272 19.84 27.56 19.66
CA LYS A 272 20.60 26.53 20.39
C LYS A 272 19.86 25.93 21.59
N LYS A 273 19.01 26.72 22.25
CA LYS A 273 18.28 26.16 23.37
C LYS A 273 17.24 25.11 22.91
N LEU A 274 16.75 25.21 21.68
CA LEU A 274 15.76 24.23 21.21
C LEU A 274 16.53 23.00 20.79
N SER A 275 17.69 23.20 20.15
CA SER A 275 18.57 22.08 19.84
C SER A 275 18.91 21.30 21.08
N SER A 276 19.15 22.02 22.16
CA SER A 276 19.59 21.40 23.39
C SER A 276 18.46 20.58 24.02
N TYR A 277 17.25 21.12 24.01
CA TYR A 277 16.04 20.42 24.40
C TYR A 277 15.81 19.16 23.53
N ALA A 278 15.95 19.31 22.23
CA ALA A 278 15.73 18.19 21.31
C ALA A 278 16.69 17.08 21.66
N GLN A 279 17.97 17.41 21.80
CA GLN A 279 18.97 16.38 21.99
C GLN A 279 18.71 15.58 23.27
N SER A 280 18.47 16.29 24.36
CA SER A 280 18.17 15.63 25.64
C SER A 280 16.94 14.73 25.50
N HIS A 281 15.91 15.25 24.84
CA HIS A 281 14.71 14.47 24.63
C HIS A 281 15.02 13.19 23.84
N LEU A 282 15.73 13.33 22.72
CA LEU A 282 16.10 12.17 21.92
C LEU A 282 16.83 11.12 22.77
N GLU A 283 17.85 11.57 23.49
CA GLU A 283 18.61 10.69 24.37
C GLU A 283 17.72 10.05 25.43
N ASN A 284 16.81 10.84 25.99
CA ASN A 284 15.85 10.30 26.94
C ASN A 284 14.95 9.19 26.36
N THR A 285 14.73 9.19 25.04
CA THR A 285 13.89 8.15 24.42
C THR A 285 14.74 6.96 24.02
N SER A 286 16.03 7.06 24.32
CA SER A 286 17.07 6.01 24.11
C SER A 286 17.78 6.01 22.76
N ILE A 287 17.64 7.09 22.01
CA ILE A 287 18.37 7.20 20.77
C ILE A 287 19.79 7.60 21.13
N LYS A 288 20.79 7.03 20.47
CA LYS A 288 22.17 7.43 20.74
C LYS A 288 22.57 8.50 19.72
N VAL A 289 22.93 9.68 20.22
CA VAL A 289 23.21 10.80 19.33
C VAL A 289 24.71 11.03 19.25
N HIS A 290 25.28 10.91 18.05
CA HIS A 290 26.71 11.07 17.88
C HIS A 290 27.01 12.42 17.23
N LEU A 291 27.31 13.43 18.05
CA LEU A 291 27.63 14.75 17.51
C LEU A 291 29.08 14.82 17.06
N ARG A 292 29.42 15.86 16.29
CA ARG A 292 30.76 16.06 15.74
C ARG A 292 31.25 14.82 15.04
N THR A 293 30.34 14.04 14.46
CA THR A 293 30.73 12.76 13.88
C THR A 293 30.25 12.61 12.44
N ALA A 294 31.11 12.09 11.58
CA ALA A 294 30.77 11.95 10.16
C ALA A 294 31.00 10.53 9.75
N VAL A 295 30.08 10.02 8.93
CA VAL A 295 30.24 8.69 8.39
C VAL A 295 31.20 8.84 7.24
N ALA A 296 32.29 8.09 7.28
CA ALA A 296 33.37 8.25 6.30
C ALA A 296 33.31 7.15 5.27
N LYS A 297 32.73 6.02 5.69
CA LYS A 297 32.62 4.90 4.79
C LYS A 297 31.51 3.95 5.23
N VAL A 298 30.83 3.35 4.24
CA VAL A 298 29.71 2.46 4.51
C VAL A 298 29.92 1.13 3.83
N GLU A 299 29.83 0.07 4.63
CA GLU A 299 29.88 -1.27 4.10
C GLU A 299 28.53 -1.91 4.33
N GLU A 300 28.36 -3.12 3.80
CA GLU A 300 27.08 -3.79 3.86
C GLU A 300 26.54 -3.98 5.28
N LYS A 301 27.41 -4.25 6.25
CA LYS A 301 26.94 -4.60 7.59
C LYS A 301 27.54 -3.73 8.65
N GLN A 302 28.39 -2.81 8.24
CA GLN A 302 28.98 -1.90 9.20
C GLN A 302 29.40 -0.63 8.47
N LEU A 303 29.61 0.45 9.23
CA LEU A 303 30.04 1.69 8.63
C LEU A 303 31.08 2.28 9.55
N LEU A 304 31.84 3.22 9.02
CA LEU A 304 32.93 3.82 9.76
C LEU A 304 32.60 5.28 10.08
N ALA A 305 32.61 5.59 11.37
CA ALA A 305 32.24 6.92 11.80
C ALA A 305 33.44 7.56 12.49
N LYS A 306 33.69 8.83 12.17
CA LYS A 306 34.82 9.56 12.73
C LYS A 306 34.41 10.80 13.48
N THR A 307 34.88 10.91 14.72
CA THR A 307 34.53 12.02 15.56
C THR A 307 35.70 13.01 15.67
N LYS A 308 35.46 14.24 15.28
CA LYS A 308 36.43 15.31 15.47
C LYS A 308 36.08 16.06 16.74
N HIS A 309 36.79 15.76 17.82
CA HIS A 309 36.50 16.35 19.13
C HIS A 309 36.82 17.84 19.21
N GLU A 310 36.32 18.48 20.26
CA GLU A 310 36.45 19.93 20.42
C GLU A 310 37.90 20.41 20.46
N ASP A 311 38.82 19.51 20.85
CA ASP A 311 40.24 19.83 20.95
C ASP A 311 41.05 19.51 19.70
N GLY A 312 40.40 19.00 18.66
CA GLY A 312 41.08 18.74 17.40
C GLY A 312 41.43 17.28 17.19
N LYS A 313 41.36 16.49 18.26
CA LYS A 313 41.61 15.04 18.17
C LYS A 313 40.51 14.28 17.44
N ILE A 314 40.93 13.33 16.61
CA ILE A 314 39.99 12.51 15.86
C ILE A 314 39.96 11.08 16.36
N THR A 315 38.78 10.60 16.75
CA THR A 315 38.62 9.17 17.07
C THR A 315 37.74 8.47 16.02
N GLU A 316 37.88 7.16 15.94
CA GLU A 316 37.13 6.34 14.99
C GLU A 316 36.29 5.28 15.70
N GLU A 317 35.16 4.93 15.09
CA GLU A 317 34.35 3.82 15.61
C GLU A 317 33.71 3.10 14.44
N THR A 318 33.82 1.79 14.47
CA THR A 318 33.13 0.95 13.50
C THR A 318 31.78 0.56 14.12
N ILE A 319 30.69 0.90 13.41
CA ILE A 319 29.34 0.64 13.89
C ILE A 319 28.62 -0.34 12.99
N PRO A 320 28.38 -1.58 13.51
CA PRO A 320 27.57 -2.58 12.83
C PRO A 320 26.14 -2.04 12.75
N TYR A 321 25.43 -2.30 11.65
CA TYR A 321 24.08 -1.74 11.54
C TYR A 321 23.23 -2.69 10.74
N GLY A 322 21.93 -2.69 11.01
CA GLY A 322 21.01 -3.49 10.18
C GLY A 322 20.32 -2.62 9.13
N THR A 323 19.99 -1.39 9.52
CA THR A 323 19.25 -0.48 8.64
C THR A 323 19.94 0.87 8.65
N LEU A 324 20.26 1.37 7.46
CA LEU A 324 20.91 2.68 7.36
C LEU A 324 20.03 3.65 6.59
N ILE A 325 19.76 4.80 7.20
CA ILE A 325 18.95 5.82 6.57
C ILE A 325 19.80 7.07 6.42
N TRP A 326 19.93 7.52 5.18
CA TRP A 326 20.87 8.59 4.86
C TRP A 326 20.12 9.87 4.52
N ALA A 327 20.20 10.84 5.42
CA ALA A 327 19.49 12.10 5.23
C ALA A 327 20.40 13.33 5.30
N THR A 328 21.33 13.49 4.34
CA THR A 328 22.30 14.58 4.43
C THR A 328 22.17 15.65 3.35
N GLY A 329 20.95 15.96 2.94
CA GLY A 329 20.79 17.04 1.98
C GLY A 329 20.94 16.59 0.53
N ASN A 330 20.78 17.54 -0.40
CA ASN A 330 20.62 17.21 -1.81
C ASN A 330 21.60 17.92 -2.74
N LYS A 331 21.59 17.51 -4.00
CA LYS A 331 22.41 18.16 -5.01
C LYS A 331 21.63 18.26 -6.31
N ALA A 332 22.15 19.05 -7.25
CA ALA A 332 21.44 19.32 -8.50
C ALA A 332 21.28 18.05 -9.33
N ARG A 333 20.14 17.92 -9.98
CA ARG A 333 19.89 16.81 -10.88
C ARG A 333 20.61 16.98 -12.24
N PRO A 334 20.88 15.85 -12.94
CA PRO A 334 21.63 15.88 -14.21
C PRO A 334 20.97 16.77 -15.27
N VAL A 335 19.64 16.78 -15.37
CA VAL A 335 19.01 17.60 -16.41
C VAL A 335 19.33 19.09 -16.17
N ILE A 336 19.55 19.43 -14.89
CA ILE A 336 19.83 20.80 -14.49
C ILE A 336 21.32 21.13 -14.66
N THR A 337 22.19 20.20 -14.27
CA THR A 337 23.63 20.43 -14.48
C THR A 337 23.95 20.54 -15.98
N ASP A 338 23.32 19.70 -16.79
CA ASP A 338 23.46 19.79 -18.24
C ASP A 338 23.08 21.17 -18.73
N LEU A 339 21.98 21.71 -18.23
CA LEU A 339 21.54 23.05 -18.60
C LEU A 339 22.54 24.15 -18.18
N PHE A 340 23.27 23.94 -17.09
CA PHE A 340 24.31 24.89 -16.67
C PHE A 340 25.24 25.19 -17.84
N LYS A 341 25.60 24.13 -18.57
CA LYS A 341 26.54 24.18 -19.68
C LYS A 341 25.99 24.88 -20.93
N LYS A 342 24.69 24.76 -21.17
CA LYS A 342 24.06 25.28 -22.38
C LYS A 342 23.84 26.78 -22.30
N ILE A 343 23.94 27.32 -21.10
CA ILE A 343 23.72 28.75 -20.93
C ILE A 343 24.96 29.39 -20.32
N PRO A 344 25.62 30.27 -21.09
CA PRO A 344 26.87 30.95 -20.71
C PRO A 344 26.79 31.52 -19.29
N GLU A 345 25.69 32.22 -19.00
CA GLU A 345 25.47 32.82 -17.67
C GLU A 345 25.37 31.81 -16.51
N GLN A 346 25.17 30.52 -16.82
CA GLN A 346 25.00 29.51 -15.78
C GLN A 346 26.20 28.61 -15.61
N ASN A 347 27.29 28.89 -16.32
CA ASN A 347 28.42 27.96 -16.27
C ASN A 347 29.04 27.85 -14.87
N SER A 348 29.00 28.96 -14.14
CA SER A 348 29.48 29.00 -12.76
C SER A 348 28.49 28.46 -11.71
N SER A 349 27.25 28.17 -12.12
CA SER A 349 26.24 27.60 -11.22
C SER A 349 26.67 26.24 -10.68
N LYS A 350 26.33 25.96 -9.42
CA LYS A 350 26.74 24.70 -8.79
C LYS A 350 25.57 24.03 -8.05
N ARG A 351 24.90 24.78 -7.18
CA ARG A 351 23.84 24.23 -6.34
C ARG A 351 22.50 24.17 -7.07
N GLY A 352 22.33 25.06 -8.03
CA GLY A 352 21.11 25.15 -8.79
C GLY A 352 21.18 26.29 -9.78
N LEU A 353 20.10 26.50 -10.51
CA LEU A 353 20.06 27.54 -11.54
C LEU A 353 20.12 28.92 -10.88
N ALA A 354 20.88 29.83 -11.47
CA ALA A 354 20.92 31.18 -10.97
C ALA A 354 19.76 31.94 -11.62
N VAL A 355 18.99 32.62 -10.78
CA VAL A 355 17.84 33.39 -11.25
C VAL A 355 17.95 34.85 -10.86
N ASN A 356 17.22 35.71 -11.55
CA ASN A 356 17.16 37.12 -11.18
C ASN A 356 16.05 37.37 -10.16
N ASP A 357 15.76 38.65 -9.94
CA ASP A 357 14.78 39.12 -8.95
C ASP A 357 13.37 38.66 -9.24
N PHE A 358 13.14 38.25 -10.47
CA PHE A 358 11.81 37.88 -10.90
C PHE A 358 11.73 36.36 -11.12
N LEU A 359 12.76 35.64 -10.67
CA LEU A 359 12.85 34.17 -10.72
C LEU A 359 13.02 33.67 -12.15
N GLN A 360 13.47 34.58 -13.02
CA GLN A 360 13.84 34.26 -14.38
C GLN A 360 15.24 33.66 -14.39
N VAL A 361 15.42 32.53 -15.08
CA VAL A 361 16.75 31.95 -15.20
C VAL A 361 17.68 32.92 -15.94
N LYS A 362 18.85 33.22 -15.37
CA LYS A 362 19.78 34.16 -15.99
C LYS A 362 20.35 33.64 -17.30
N GLY A 363 20.29 34.45 -18.34
CA GLY A 363 20.81 34.03 -19.62
C GLY A 363 19.68 33.49 -20.47
N SER A 364 18.46 33.63 -19.96
CA SER A 364 17.30 33.07 -20.64
C SER A 364 16.19 34.08 -20.66
N ASN A 365 15.41 34.07 -21.72
CA ASN A 365 14.30 35.00 -21.87
C ASN A 365 12.98 34.46 -21.34
N ASN A 366 12.83 33.14 -21.31
CA ASN A 366 11.51 32.55 -21.07
C ASN A 366 11.50 31.30 -20.16
N ILE A 367 12.66 31.00 -19.58
CA ILE A 367 12.75 29.98 -18.53
C ILE A 367 12.78 30.61 -17.13
N PHE A 368 11.91 30.10 -16.26
CA PHE A 368 11.87 30.47 -14.86
C PHE A 368 12.20 29.21 -14.02
N ALA A 369 12.69 29.42 -12.80
CA ALA A 369 13.04 28.29 -11.95
C ALA A 369 12.68 28.60 -10.52
N ILE A 370 11.94 27.69 -9.89
CA ILE A 370 11.57 27.82 -8.48
C ILE A 370 11.90 26.52 -7.72
N GLY A 371 11.97 26.61 -6.39
CA GLY A 371 12.24 25.44 -5.57
C GLY A 371 13.70 25.10 -5.53
N ASP A 372 13.98 23.83 -5.21
CA ASP A 372 15.34 23.37 -4.96
C ASP A 372 16.19 23.36 -6.19
N ASN A 373 15.60 23.38 -7.40
CA ASN A 373 16.44 23.38 -8.60
C ASN A 373 17.02 24.77 -8.94
N ALA A 374 16.53 25.78 -8.24
CA ALA A 374 17.06 27.14 -8.38
C ALA A 374 17.80 27.53 -7.11
N PHE A 375 18.84 28.32 -7.25
CA PHE A 375 19.54 28.80 -6.07
C PHE A 375 19.68 30.32 -6.04
N ALA A 376 19.09 30.94 -5.01
CA ALA A 376 19.22 32.39 -4.79
C ALA A 376 19.62 32.71 -3.35
N GLY A 377 20.41 31.85 -2.72
CA GLY A 377 20.85 32.08 -1.36
C GLY A 377 19.87 31.65 -0.26
N LEU A 378 18.61 31.44 -0.63
CA LEU A 378 17.58 31.04 0.33
C LEU A 378 17.69 29.54 0.67
N PRO A 379 17.17 29.14 1.85
CA PRO A 379 17.19 27.71 2.20
C PRO A 379 16.32 26.86 1.28
N PRO A 380 16.77 25.62 1.00
CA PRO A 380 15.97 24.76 0.14
C PRO A 380 14.86 24.12 0.96
N THR A 381 13.72 24.80 1.03
CA THR A 381 12.58 24.31 1.78
C THR A 381 11.31 24.41 0.97
N ALA A 382 10.30 23.68 1.43
CA ALA A 382 8.98 23.69 0.82
C ALA A 382 8.40 25.07 0.98
N GLN A 383 8.68 25.69 2.13
CA GLN A 383 8.18 27.03 2.41
C GLN A 383 8.64 28.02 1.32
N VAL A 384 9.93 27.97 0.99
CA VAL A 384 10.46 28.86 -0.06
C VAL A 384 9.82 28.52 -1.41
N ALA A 385 9.75 27.22 -1.72
CA ALA A 385 9.23 26.77 -3.01
C ALA A 385 7.80 27.26 -3.18
N HIS A 386 7.00 27.12 -2.12
CA HIS A 386 5.60 27.51 -2.17
C HIS A 386 5.42 29.04 -2.38
N GLN A 387 6.26 29.84 -1.73
CA GLN A 387 6.17 31.28 -1.89
C GLN A 387 6.63 31.72 -3.27
N GLU A 388 7.76 31.19 -3.74
CA GLU A 388 8.18 31.40 -5.13
C GLU A 388 7.07 31.10 -6.13
N ALA A 389 6.44 29.94 -6.01
CA ALA A 389 5.39 29.54 -6.94
C ALA A 389 4.23 30.56 -6.98
N GLU A 390 3.78 30.99 -5.80
CA GLU A 390 2.64 31.88 -5.72
C GLU A 390 3.03 33.25 -6.27
N TYR A 391 4.23 33.69 -5.95
CA TYR A 391 4.76 34.93 -6.51
C TYR A 391 4.80 34.86 -8.05
N LEU A 392 5.38 33.78 -8.58
CA LEU A 392 5.55 33.63 -10.03
C LEU A 392 4.20 33.64 -10.73
N ALA A 393 3.23 32.91 -10.16
CA ALA A 393 1.90 32.87 -10.74
C ALA A 393 1.21 34.24 -10.79
N LYS A 394 1.42 35.08 -9.77
CA LYS A 394 0.86 36.43 -9.78
C LYS A 394 1.47 37.22 -10.92
N ASN A 395 2.79 37.15 -11.06
CA ASN A 395 3.48 37.82 -12.17
C ASN A 395 2.90 37.39 -13.53
N PHE A 396 2.55 36.11 -13.65
CA PHE A 396 1.95 35.65 -14.91
C PHE A 396 0.58 36.27 -15.14
N ASP A 397 -0.19 36.48 -14.07
CA ASP A 397 -1.43 37.26 -14.16
C ASP A 397 -1.18 38.65 -14.77
N LYS A 398 -0.11 39.31 -14.32
CA LYS A 398 0.24 40.64 -14.81
C LYS A 398 0.76 40.65 -16.23
N MET A 399 1.65 39.71 -16.57
CA MET A 399 2.14 39.59 -17.93
C MET A 399 0.99 39.45 -18.93
N ALA A 400 -0.12 38.89 -18.48
CA ALA A 400 -1.27 38.67 -19.36
C ALA A 400 -2.08 39.95 -19.58
N GLN A 401 -1.70 41.02 -18.90
CA GLN A 401 -2.37 42.31 -19.03
C GLN A 401 -1.48 43.30 -19.79
N ILE A 402 -0.33 42.81 -20.25
CA ILE A 402 0.67 43.62 -20.91
C ILE A 402 1.07 42.92 -22.20
N PRO A 403 0.46 43.35 -23.33
CA PRO A 403 0.55 42.67 -24.63
C PRO A 403 1.98 42.36 -25.03
N ASN A 404 2.91 43.18 -24.56
CA ASN A 404 4.31 43.11 -24.96
C ASN A 404 5.05 41.84 -24.59
N PHE A 405 4.73 41.26 -23.45
CA PHE A 405 5.35 40.01 -23.00
C PHE A 405 5.08 38.92 -24.03
N GLN A 406 3.82 38.85 -24.41
CA GLN A 406 3.36 37.97 -25.49
C GLN A 406 4.23 38.14 -26.74
N LYS A 407 4.51 39.40 -27.09
CA LYS A 407 5.26 39.75 -28.29
C LYS A 407 6.73 39.35 -28.27
N ASN A 408 7.43 39.62 -27.17
CA ASN A 408 8.88 39.37 -27.11
C ASN A 408 9.28 37.90 -27.39
N LEU A 409 8.33 36.98 -27.20
CA LEU A 409 8.51 35.58 -27.59
C LEU A 409 8.79 35.47 -29.10
N SER A 410 8.03 36.25 -29.89
CA SER A 410 8.17 36.28 -31.35
C SER A 410 9.43 37.01 -31.81
N SER A 411 9.74 38.14 -31.16
CA SER A 411 10.96 38.90 -31.43
C SER A 411 12.23 38.07 -31.21
N ARG A 412 13.34 38.54 -31.78
CA ARG A 412 14.62 37.85 -31.66
C ARG A 412 15.45 38.47 -30.53
N LYS A 413 15.05 39.67 -30.14
CA LYS A 413 15.67 40.33 -28.99
C LYS A 413 14.97 39.90 -27.72
N ASP A 414 15.78 39.52 -26.72
CA ASP A 414 15.24 39.09 -25.43
C ASP A 414 15.10 40.30 -24.50
N LYS A 415 13.85 40.73 -24.30
CA LYS A 415 13.55 41.94 -23.55
C LYS A 415 12.65 41.70 -22.34
N ILE A 416 12.41 40.44 -22.00
CA ILE A 416 11.47 40.11 -20.93
C ILE A 416 11.94 40.59 -19.55
N ASP A 417 13.23 40.43 -19.25
CA ASP A 417 13.81 40.95 -18.00
C ASP A 417 13.74 42.48 -17.92
N LEU A 418 13.90 43.13 -19.07
CA LEU A 418 13.71 44.57 -19.19
C LEU A 418 12.24 44.90 -18.94
N LEU A 419 11.35 44.09 -19.52
CA LEU A 419 9.93 44.33 -19.38
C LEU A 419 9.50 44.29 -17.92
N PHE A 420 10.19 43.49 -17.10
CA PHE A 420 9.85 43.35 -15.69
C PHE A 420 10.14 44.64 -14.96
N GLU A 421 11.38 45.12 -15.06
CA GLU A 421 11.75 46.40 -14.46
C GLU A 421 10.91 47.56 -15.01
N GLU A 422 10.74 47.59 -16.33
CA GLU A 422 10.06 48.70 -16.99
C GLU A 422 8.59 48.80 -16.65
N ASN A 423 7.99 47.70 -16.19
CA ASN A 423 6.61 47.73 -15.75
C ASN A 423 6.53 47.71 -14.23
N ASN A 424 7.70 47.80 -13.62
CA ASN A 424 7.83 47.85 -12.16
C ASN A 424 7.10 46.72 -11.44
N PHE A 425 7.40 45.50 -11.88
CA PHE A 425 7.07 44.31 -11.13
C PHE A 425 7.95 44.35 -9.89
N LYS A 426 7.42 43.97 -8.74
CA LYS A 426 8.26 43.90 -7.54
C LYS A 426 9.06 42.62 -7.60
N PRO A 427 10.30 42.64 -7.10
CA PRO A 427 11.13 41.43 -7.01
C PRO A 427 10.55 40.44 -6.00
N PHE A 428 10.95 39.18 -6.10
CA PHE A 428 10.47 38.21 -5.14
C PHE A 428 11.07 38.53 -3.78
N LYS A 429 10.23 38.54 -2.75
CA LYS A 429 10.75 38.71 -1.39
C LYS A 429 10.25 37.56 -0.51
N TYR A 430 11.17 36.71 -0.07
CA TYR A 430 10.83 35.61 0.82
C TYR A 430 10.49 36.10 2.23
N ASN A 431 9.40 35.59 2.80
CA ASN A 431 9.03 35.85 4.19
C ASN A 431 9.14 34.58 5.03
N ASP A 432 10.22 34.43 5.78
CA ASP A 432 10.42 33.25 6.62
C ASP A 432 9.32 33.13 7.70
N LEU A 433 8.57 32.02 7.68
CA LEU A 433 7.47 31.82 8.63
C LEU A 433 7.89 30.94 9.81
N GLY A 434 9.15 30.52 9.82
CA GLY A 434 9.62 29.68 10.89
C GLY A 434 9.78 28.22 10.48
N ALA A 435 9.82 27.32 11.46
CA ALA A 435 10.22 25.94 11.21
C ALA A 435 9.70 25.05 12.33
N LEU A 436 9.53 23.75 12.05
CA LEU A 436 8.98 22.77 13.00
C LEU A 436 9.69 21.44 12.88
N ALA A 437 9.82 20.74 14.00
CA ALA A 437 10.44 19.41 14.01
C ALA A 437 9.80 18.51 15.08
N TYR A 438 9.29 17.34 14.67
CA TYR A 438 8.78 16.35 15.62
C TYR A 438 9.97 15.58 16.17
N LEU A 439 9.91 15.21 17.44
CA LEU A 439 11.06 14.59 18.06
C LEU A 439 10.78 13.18 18.56
N GLY A 440 9.60 12.65 18.24
CA GLY A 440 9.18 11.38 18.85
C GLY A 440 8.58 11.58 20.24
N SER A 441 7.85 10.57 20.70
CA SER A 441 7.15 10.57 21.99
C SER A 441 6.33 11.83 22.26
N GLU A 442 5.59 12.30 21.26
CA GLU A 442 4.65 13.40 21.44
C GLU A 442 5.32 14.70 21.87
N ARG A 443 6.54 14.96 21.41
CA ARG A 443 7.18 16.25 21.63
C ARG A 443 7.65 16.83 20.29
N ALA A 444 7.52 18.14 20.13
CA ALA A 444 8.00 18.85 18.95
C ALA A 444 8.65 20.15 19.39
N ILE A 445 9.41 20.77 18.47
CA ILE A 445 9.83 22.16 18.66
C ILE A 445 9.28 22.95 17.49
N ALA A 446 9.06 24.24 17.70
CA ALA A 446 8.42 25.07 16.69
C ALA A 446 8.75 26.51 16.93
N THR A 447 9.12 27.22 15.87
CA THR A 447 9.26 28.67 15.90
C THR A 447 8.42 29.21 14.76
N ILE A 448 7.39 29.99 15.08
CA ILE A 448 6.49 30.59 14.09
C ILE A 448 6.79 32.09 13.98
N ARG A 449 7.07 32.55 12.77
CA ARG A 449 7.45 33.94 12.53
C ARG A 449 6.66 34.56 11.42
N SER A 450 6.81 35.88 11.30
CA SER A 450 6.44 36.62 10.09
C SER A 450 7.13 37.95 10.19
N GLY A 451 7.97 38.28 9.21
CA GLY A 451 8.75 39.50 9.29
C GLY A 451 9.73 39.42 10.44
N LYS A 452 9.78 40.47 11.25
CA LYS A 452 10.71 40.50 12.38
C LYS A 452 10.04 39.91 13.63
N ARG A 453 8.73 39.72 13.54
CA ARG A 453 7.94 39.25 14.65
C ARG A 453 7.99 37.72 14.85
N THR A 454 8.23 37.32 16.10
CA THR A 454 8.09 35.92 16.50
C THR A 454 6.82 35.74 17.31
N PHE A 455 5.95 34.86 16.87
CA PHE A 455 4.66 34.64 17.54
C PHE A 455 4.70 33.43 18.44
N TYR A 456 5.70 32.57 18.26
CA TYR A 456 5.75 31.31 18.98
C TYR A 456 7.14 30.75 18.79
N THR A 457 7.71 30.23 19.86
CA THR A 457 8.98 29.57 19.77
C THR A 457 9.21 28.80 21.06
N GLY A 458 9.30 27.47 20.94
CA GLY A 458 9.33 26.63 22.12
C GLY A 458 9.23 25.16 21.79
N GLY A 459 9.09 24.35 22.83
CA GLY A 459 9.07 22.92 22.67
C GLY A 459 8.16 22.29 23.70
N GLY A 460 7.70 21.08 23.43
CA GLY A 460 6.93 20.31 24.38
C GLY A 460 5.74 19.58 23.80
N LEU A 461 4.83 19.22 24.70
CA LEU A 461 3.66 18.42 24.40
C LEU A 461 2.65 19.23 23.59
N MET A 462 2.36 20.44 24.07
CA MET A 462 1.47 21.32 23.35
C MET A 462 2.07 21.66 22.00
N THR A 463 3.39 21.83 21.96
CA THR A 463 4.05 22.14 20.69
C THR A 463 3.80 21.01 19.66
N PHE A 464 3.80 19.76 20.14
CA PHE A 464 3.43 18.60 19.30
C PHE A 464 2.00 18.67 18.74
N TYR A 465 1.03 19.02 19.57
CA TYR A 465 -0.31 19.26 19.06
C TYR A 465 -0.32 20.41 18.04
N LEU A 466 0.54 21.39 18.25
CA LEU A 466 0.57 22.52 17.33
C LEU A 466 1.14 22.03 16.00
N TRP A 467 2.20 21.23 16.08
CA TRP A 467 2.85 20.62 14.93
C TRP A 467 1.86 19.89 14.02
N ARG A 468 1.03 19.02 14.62
CA ARG A 468 -0.06 18.34 13.92
C ARG A 468 -1.03 19.31 13.25
N ILE A 469 -1.53 20.28 14.00
CA ILE A 469 -2.54 21.22 13.48
C ILE A 469 -1.98 22.04 12.32
N LEU A 470 -0.75 22.50 12.44
CA LEU A 470 -0.13 23.30 11.39
C LEU A 470 0.09 22.46 10.12
N TYR A 471 0.66 21.27 10.29
CA TYR A 471 0.85 20.36 9.14
C TYR A 471 -0.45 20.08 8.41
N LEU A 472 -1.50 19.76 9.16
CA LEU A 472 -2.82 19.56 8.55
C LEU A 472 -3.20 20.77 7.73
N SER A 473 -2.92 21.97 8.24
CA SER A 473 -3.23 23.22 7.54
C SER A 473 -2.46 23.38 6.26
N MET A 474 -1.22 22.88 6.23
CA MET A 474 -0.32 23.11 5.08
C MET A 474 -0.53 22.09 3.94
N ILE A 475 -1.31 21.04 4.19
CA ILE A 475 -1.54 20.02 3.18
C ILE A 475 -2.32 20.67 2.05
N LEU A 476 -1.98 20.33 0.80
CA LEU A 476 -2.51 21.07 -0.36
C LEU A 476 -3.89 20.65 -0.85
N SER A 477 -4.43 19.57 -0.31
CA SER A 477 -5.71 19.07 -0.76
C SER A 477 -6.58 18.56 0.39
N ALA A 478 -7.89 18.69 0.22
CA ALA A 478 -8.84 18.19 1.21
C ALA A 478 -8.76 16.66 1.43
N ARG A 479 -8.56 15.91 0.36
CA ARG A 479 -8.51 14.44 0.44
C ARG A 479 -7.38 13.99 1.35
N SER A 480 -6.19 14.48 1.05
CA SER A 480 -4.98 14.12 1.79
C SER A 480 -5.15 14.56 3.24
N ARG A 481 -5.74 15.74 3.42
CA ARG A 481 -5.93 16.28 4.76
C ARG A 481 -6.88 15.40 5.57
N LEU A 482 -7.95 14.95 4.93
CA LEU A 482 -8.87 14.03 5.62
C LEU A 482 -8.18 12.71 5.97
N LYS A 483 -7.37 12.19 5.05
CA LYS A 483 -6.73 10.88 5.24
C LYS A 483 -5.68 10.90 6.34
N VAL A 484 -4.91 12.00 6.39
CA VAL A 484 -3.94 12.17 7.47
C VAL A 484 -4.65 12.26 8.82
N PHE A 485 -5.72 13.07 8.83
CA PHE A 485 -6.55 13.19 10.01
C PHE A 485 -7.08 11.83 10.48
N PHE A 486 -7.62 11.03 9.57
CA PHE A 486 -8.06 9.67 9.93
C PHE A 486 -6.94 8.78 10.39
N ASP A 487 -5.75 8.93 9.80
CA ASP A 487 -4.61 8.11 10.26
C ASP A 487 -4.30 8.39 11.74
N TRP A 488 -4.35 9.66 12.10
CA TRP A 488 -3.98 10.07 13.45
C TRP A 488 -5.03 9.58 14.45
N ILE A 489 -6.30 9.72 14.10
CA ILE A 489 -7.37 9.17 14.93
C ILE A 489 -7.23 7.67 15.19
N LYS A 490 -6.90 6.92 14.16
CA LYS A 490 -6.77 5.47 14.31
C LYS A 490 -5.58 5.15 15.21
N LEU A 491 -4.58 6.01 15.12
CA LEU A 491 -3.39 5.89 15.93
C LEU A 491 -3.72 6.05 17.42
N ALA A 492 -4.74 6.86 17.72
CA ALA A 492 -5.21 7.03 19.10
C ALA A 492 -5.68 5.72 19.72
N PHE A 493 -6.21 4.82 18.91
CA PHE A 493 -6.84 3.59 19.40
C PHE A 493 -6.06 2.31 19.11
N PHE A 494 -5.27 2.32 18.04
CA PHE A 494 -4.68 1.08 17.54
C PHE A 494 -3.19 1.21 17.21
N LYS A 495 -2.51 0.07 17.12
CA LYS A 495 -1.11 0.11 16.71
C LYS A 495 -0.98 0.46 15.22
N ARG A 496 0.13 1.10 14.89
CA ARG A 496 0.50 1.37 13.51
C ARG A 496 0.50 0.11 12.62
N ASP A 497 0.02 0.26 11.38
CA ASP A 497 0.17 -0.81 10.38
C ASP A 497 1.63 -0.89 9.99
N PHE A 498 2.19 -2.08 10.06
CA PHE A 498 3.59 -2.22 9.72
C PHE A 498 3.72 -3.50 8.96
N PHE A 499 3.23 -3.51 7.72
CA PHE A 499 3.32 -4.70 6.88
C PHE A 499 4.53 -4.62 5.98
N LYS A 500 5.28 -5.72 5.98
CA LYS A 500 6.47 -5.87 5.16
C LYS A 500 6.19 -5.67 3.66
N GLY A 501 5.11 -6.24 3.14
CA GLY A 501 4.85 -6.20 1.72
C GLY A 501 3.69 -5.33 1.29
N LEU A 502 3.36 -4.32 2.09
CA LEU A 502 2.19 -3.50 1.78
C LEU A 502 2.37 -2.01 2.14
N THR B 31 18.53 -34.98 11.69
CA THR B 31 18.82 -33.94 10.70
C THR B 31 17.66 -32.94 10.60
N MET B 32 16.47 -33.39 10.99
CA MET B 32 15.26 -32.55 10.96
C MET B 32 14.86 -32.18 12.39
N LYS B 33 14.91 -30.89 12.70
CA LYS B 33 14.57 -30.39 14.03
C LYS B 33 13.10 -30.68 14.38
N VAL B 34 12.85 -30.96 15.65
CA VAL B 34 11.50 -31.26 16.10
C VAL B 34 11.16 -30.38 17.28
N ILE B 35 10.09 -29.61 17.17
CA ILE B 35 9.71 -28.71 18.25
C ILE B 35 8.62 -29.38 19.06
N ASP B 36 8.88 -29.59 20.35
CA ASP B 36 8.01 -30.39 21.22
C ASP B 36 8.01 -29.82 22.64
N PRO B 37 7.03 -28.96 22.93
CA PRO B 37 6.97 -28.22 24.19
C PRO B 37 6.35 -29.03 25.31
N GLN B 38 7.16 -29.48 26.27
CA GLN B 38 6.63 -30.35 27.33
C GLN B 38 6.89 -29.84 28.75
N HIS B 39 6.98 -28.52 28.88
CA HIS B 39 7.13 -27.88 30.19
C HIS B 39 5.76 -27.50 30.74
N SER B 40 4.71 -27.87 30.00
CA SER B 40 3.36 -27.65 30.46
C SER B 40 2.57 -28.96 30.44
N ASP B 41 1.56 -29.06 31.30
CA ASP B 41 0.67 -30.21 31.33
C ASP B 41 -0.51 -29.97 30.39
N LYS B 42 -0.67 -28.72 29.95
CA LYS B 42 -1.71 -28.36 28.98
C LYS B 42 -1.41 -29.05 27.67
N PRO B 43 -2.45 -29.49 26.97
CA PRO B 43 -2.21 -30.13 25.67
C PRO B 43 -1.81 -29.05 24.66
N ASN B 44 -0.99 -29.44 23.69
CA ASN B 44 -0.54 -28.55 22.64
C ASN B 44 -1.50 -28.62 21.47
N VAL B 45 -2.28 -27.55 21.31
CA VAL B 45 -3.15 -27.40 20.14
C VAL B 45 -2.43 -26.62 19.03
N LEU B 46 -2.31 -27.25 17.86
CA LEU B 46 -1.67 -26.68 16.71
C LEU B 46 -2.74 -26.36 15.68
N ILE B 47 -2.73 -25.11 15.20
CA ILE B 47 -3.68 -24.61 14.20
C ILE B 47 -2.96 -24.37 12.88
N LEU B 48 -3.52 -24.88 11.78
CA LEU B 48 -2.97 -24.57 10.47
C LEU B 48 -3.86 -23.53 9.79
N GLY B 49 -3.27 -22.38 9.45
CA GLY B 49 -3.95 -21.32 8.73
C GLY B 49 -4.13 -20.06 9.57
N SER B 50 -4.42 -18.95 8.88
CA SER B 50 -4.82 -17.72 9.56
C SER B 50 -6.00 -17.06 8.84
N GLY B 51 -6.99 -17.86 8.45
CA GLY B 51 -8.20 -17.38 7.81
C GLY B 51 -9.46 -17.49 8.67
N TRP B 52 -10.60 -17.69 8.03
CA TRP B 52 -11.87 -17.71 8.77
C TRP B 52 -11.93 -18.81 9.81
N GLY B 53 -11.48 -20.01 9.43
CA GLY B 53 -11.54 -21.14 10.35
C GLY B 53 -10.54 -20.90 11.47
N ALA B 54 -9.29 -20.69 11.09
CA ALA B 54 -8.21 -20.57 12.07
C ALA B 54 -8.46 -19.45 13.07
N ILE B 55 -8.79 -18.27 12.56
CA ILE B 55 -8.88 -17.09 13.43
C ILE B 55 -10.13 -17.14 14.29
N SER B 56 -11.25 -17.61 13.75
CA SER B 56 -12.46 -17.70 14.55
C SER B 56 -12.24 -18.71 15.70
N PHE B 57 -11.55 -19.79 15.38
CA PHE B 57 -11.18 -20.79 16.39
C PHE B 57 -10.29 -20.16 17.45
N LEU B 58 -9.22 -19.49 16.99
CA LEU B 58 -8.31 -18.79 17.89
C LEU B 58 -9.04 -17.88 18.86
N LYS B 59 -10.05 -17.17 18.36
CA LYS B 59 -10.79 -16.22 19.19
C LYS B 59 -11.53 -16.89 20.33
N HIS B 60 -12.00 -18.12 20.11
CA HIS B 60 -12.81 -18.82 21.10
C HIS B 60 -12.08 -19.86 21.97
N ILE B 61 -10.98 -20.44 21.46
CA ILE B 61 -10.25 -21.49 22.18
C ILE B 61 -9.74 -20.97 23.53
N ASP B 62 -9.80 -21.81 24.57
CA ASP B 62 -9.39 -21.38 25.92
C ASP B 62 -7.88 -21.61 26.12
N THR B 63 -7.13 -20.53 26.17
CA THR B 63 -5.68 -20.64 26.25
C THR B 63 -5.17 -20.84 27.68
N LYS B 64 -6.09 -20.78 28.65
CA LYS B 64 -5.79 -21.18 30.01
C LYS B 64 -5.72 -22.71 30.10
N LYS B 65 -6.49 -23.39 29.25
CA LYS B 65 -6.55 -24.86 29.29
C LYS B 65 -5.62 -25.48 28.24
N TYR B 66 -5.30 -24.72 27.20
CA TYR B 66 -4.49 -25.27 26.12
C TYR B 66 -3.33 -24.35 25.76
N ASN B 67 -2.27 -24.96 25.24
CA ASN B 67 -1.20 -24.20 24.60
C ASN B 67 -1.44 -24.19 23.12
N VAL B 68 -1.57 -22.99 22.57
CA VAL B 68 -1.93 -22.81 21.17
C VAL B 68 -0.74 -22.35 20.33
N SER B 69 -0.47 -23.07 19.25
CA SER B 69 0.46 -22.61 18.25
C SER B 69 -0.30 -22.51 16.94
N ILE B 70 0.15 -21.59 16.06
CA ILE B 70 -0.43 -21.38 14.73
C ILE B 70 0.67 -21.41 13.66
N ILE B 71 0.42 -22.14 12.57
CA ILE B 71 1.29 -22.10 11.43
C ILE B 71 0.55 -21.55 10.21
N SER B 72 1.07 -20.46 9.65
CA SER B 72 0.49 -19.90 8.42
C SER B 72 1.52 -19.03 7.71
N PRO B 73 1.55 -19.12 6.38
CA PRO B 73 2.48 -18.31 5.57
C PRO B 73 2.00 -16.86 5.46
N ARG B 74 0.77 -16.60 5.92
CA ARG B 74 0.18 -15.27 5.80
C ARG B 74 -0.01 -14.70 7.20
N SER B 75 0.71 -13.62 7.52
CA SER B 75 0.76 -13.14 8.91
C SER B 75 -0.49 -12.36 9.36
N TYR B 76 -1.54 -12.35 8.53
CA TYR B 76 -2.73 -11.57 8.84
C TYR B 76 -3.97 -12.36 8.43
N PHE B 77 -5.09 -12.01 9.06
CA PHE B 77 -6.38 -12.51 8.68
C PHE B 77 -6.95 -11.65 7.56
N LEU B 78 -7.52 -12.28 6.54
CA LEU B 78 -8.13 -11.52 5.44
C LEU B 78 -9.65 -11.58 5.52
N PHE B 79 -10.29 -10.42 5.56
CA PHE B 79 -11.75 -10.39 5.54
C PHE B 79 -12.19 -10.55 4.09
N THR B 80 -12.27 -11.78 3.61
CA THR B 80 -12.53 -12.04 2.19
C THR B 80 -13.75 -11.36 1.54
N PRO B 81 -14.85 -11.10 2.30
CA PRO B 81 -16.00 -10.55 1.54
C PRO B 81 -15.78 -9.17 0.94
N LEU B 82 -14.74 -8.44 1.36
CA LEU B 82 -14.49 -7.10 0.81
C LEU B 82 -13.29 -7.13 -0.14
N LEU B 83 -12.71 -8.30 -0.34
CA LEU B 83 -11.63 -8.42 -1.30
C LEU B 83 -11.96 -7.88 -2.70
N PRO B 84 -13.17 -8.19 -3.24
CA PRO B 84 -13.51 -7.69 -4.58
C PRO B 84 -13.52 -6.17 -4.66
N SER B 85 -13.67 -5.53 -3.49
CA SER B 85 -13.76 -4.07 -3.50
C SER B 85 -12.38 -3.38 -3.31
N ALA B 86 -11.33 -4.16 -3.11
CA ALA B 86 -9.97 -3.62 -2.97
C ALA B 86 -9.22 -3.25 -4.27
N PRO B 87 -9.35 -4.04 -5.37
CA PRO B 87 -8.53 -3.70 -6.54
C PRO B 87 -8.76 -2.25 -7.04
N VAL B 88 -9.95 -1.70 -6.81
CA VAL B 88 -10.24 -0.35 -7.30
C VAL B 88 -10.27 0.69 -6.19
N GLY B 89 -9.89 0.32 -4.98
CA GLY B 89 -9.73 1.33 -3.96
C GLY B 89 -11.05 1.74 -3.32
N THR B 90 -12.10 0.96 -3.52
CA THR B 90 -13.33 1.19 -2.75
C THR B 90 -13.02 1.03 -1.25
N VAL B 91 -12.29 -0.03 -0.89
CA VAL B 91 -11.60 -0.02 0.40
C VAL B 91 -10.13 -0.25 0.09
N ASP B 92 -9.26 0.10 1.03
CA ASP B 92 -7.84 -0.17 0.85
C ASP B 92 -7.48 -1.60 1.30
N GLU B 93 -6.45 -2.19 0.72
CA GLU B 93 -5.99 -3.53 1.11
C GLU B 93 -5.70 -3.62 2.61
N LYS B 94 -5.08 -2.59 3.19
CA LYS B 94 -4.75 -2.63 4.61
C LYS B 94 -5.98 -2.64 5.52
N SER B 95 -7.09 -2.07 5.01
CA SER B 95 -8.30 -1.96 5.80
C SER B 95 -8.97 -3.30 6.07
N ILE B 96 -8.77 -4.27 5.19
CA ILE B 96 -9.56 -5.49 5.31
C ILE B 96 -8.71 -6.64 5.80
N ILE B 97 -7.51 -6.33 6.28
CA ILE B 97 -6.68 -7.36 6.91
C ILE B 97 -6.32 -6.99 8.35
N GLU B 98 -6.04 -8.00 9.16
CA GLU B 98 -5.71 -7.77 10.56
C GLU B 98 -4.60 -8.74 10.96
N PRO B 99 -3.45 -8.23 11.44
CA PRO B 99 -2.33 -9.09 11.87
C PRO B 99 -2.76 -10.16 12.89
N ILE B 100 -2.27 -11.40 12.72
CA ILE B 100 -2.61 -12.50 13.65
C ILE B 100 -2.27 -12.12 15.09
N VAL B 101 -1.14 -11.45 15.25
CA VAL B 101 -0.66 -11.07 16.56
C VAL B 101 -1.67 -10.24 17.34
N ASN B 102 -2.40 -9.36 16.66
CA ASN B 102 -3.47 -8.60 17.33
C ASN B 102 -4.56 -9.48 17.96
N PHE B 103 -4.94 -10.57 17.30
CA PHE B 103 -5.90 -11.48 17.91
C PHE B 103 -5.24 -12.21 19.06
N ALA B 104 -3.99 -12.65 18.83
CA ALA B 104 -3.27 -13.47 19.78
C ALA B 104 -3.03 -12.72 21.11
N LEU B 105 -2.79 -11.43 21.02
CA LEU B 105 -2.58 -10.56 22.17
C LEU B 105 -3.76 -10.51 23.14
N LYS B 106 -4.96 -10.73 22.60
CA LYS B 106 -6.19 -10.74 23.41
C LYS B 106 -6.30 -12.02 24.24
N LYS B 107 -5.42 -12.97 24.00
CA LYS B 107 -5.52 -14.26 24.67
C LYS B 107 -4.75 -14.24 25.98
N LYS B 108 -5.26 -14.96 26.97
CA LYS B 108 -4.70 -14.91 28.31
C LYS B 108 -3.45 -15.76 28.42
N GLY B 109 -3.42 -16.89 27.73
CA GLY B 109 -2.29 -17.82 27.82
C GLY B 109 -1.20 -17.64 26.77
N ASN B 110 -0.51 -18.74 26.48
CA ASN B 110 0.63 -18.75 25.57
C ASN B 110 0.28 -19.05 24.12
N VAL B 111 0.37 -18.04 23.26
CA VAL B 111 0.17 -18.27 21.84
C VAL B 111 1.48 -18.08 21.08
N THR B 112 1.79 -19.01 20.20
CA THR B 112 2.98 -18.92 19.34
C THR B 112 2.53 -18.95 17.89
N TYR B 113 3.11 -18.07 17.08
CA TYR B 113 2.79 -18.03 15.67
C TYR B 113 4.04 -18.26 14.82
N TYR B 114 4.00 -19.33 14.02
CA TYR B 114 5.05 -19.64 13.04
C TYR B 114 4.65 -19.08 11.68
N GLU B 115 5.40 -18.11 11.17
CA GLU B 115 5.13 -17.66 9.83
C GLU B 115 5.86 -18.61 8.88
N ALA B 116 5.12 -19.59 8.37
CA ALA B 116 5.69 -20.66 7.53
C ALA B 116 4.54 -21.38 6.88
N GLU B 117 4.87 -22.25 5.94
CA GLU B 117 3.90 -23.06 5.24
C GLU B 117 3.92 -24.54 5.73
N ALA B 118 2.77 -25.08 6.14
CA ALA B 118 2.72 -26.52 6.42
C ALA B 118 2.84 -27.25 5.08
N THR B 119 3.85 -28.12 4.94
CA THR B 119 4.04 -28.87 3.70
C THR B 119 3.68 -30.33 3.85
N SER B 120 3.63 -30.82 5.09
CA SER B 120 3.31 -32.23 5.28
C SER B 120 2.73 -32.43 6.65
N ILE B 121 1.55 -33.03 6.67
CA ILE B 121 0.93 -33.42 7.92
C ILE B 121 1.30 -34.90 8.12
N ASN B 122 1.79 -35.22 9.32
CA ASN B 122 2.38 -36.54 9.57
C ASN B 122 1.65 -37.17 10.72
N PRO B 123 0.50 -37.80 10.42
CA PRO B 123 -0.46 -38.18 11.45
C PRO B 123 0.09 -39.20 12.44
N ASP B 124 0.93 -40.12 11.97
CA ASP B 124 1.36 -41.20 12.86
C ASP B 124 2.42 -40.79 13.88
N ARG B 125 3.17 -39.73 13.58
CA ARG B 125 4.08 -39.19 14.59
C ARG B 125 3.57 -37.88 15.20
N ASN B 126 2.32 -37.52 14.90
CA ASN B 126 1.72 -36.28 15.40
C ASN B 126 2.57 -35.04 15.13
N THR B 127 2.92 -34.84 13.88
CA THR B 127 3.83 -33.78 13.59
C THR B 127 3.43 -33.06 12.30
N VAL B 128 3.69 -31.76 12.24
CA VAL B 128 3.56 -31.02 10.98
C VAL B 128 4.90 -30.51 10.49
N THR B 129 5.24 -30.85 9.26
CA THR B 129 6.46 -30.34 8.65
C THR B 129 6.26 -28.94 8.07
N ILE B 130 7.13 -27.99 8.44
CA ILE B 130 7.02 -26.63 7.89
C ILE B 130 8.23 -26.24 7.05
N LYS B 131 7.97 -25.43 6.03
CA LYS B 131 9.03 -24.83 5.22
C LYS B 131 8.75 -23.36 4.95
N SER B 132 9.69 -22.71 4.29
CA SER B 132 9.64 -21.25 4.05
C SER B 132 9.38 -20.47 5.35
N LEU B 133 10.00 -20.92 6.44
CA LEU B 133 9.87 -20.24 7.72
C LEU B 133 10.48 -18.83 7.64
N SER B 134 9.69 -17.80 7.96
CA SER B 134 10.23 -16.44 7.94
C SER B 134 10.39 -15.88 9.34
N ALA B 135 9.57 -16.34 10.27
CA ALA B 135 9.51 -15.72 11.59
C ALA B 135 8.80 -16.61 12.59
N VAL B 136 9.14 -16.45 13.86
CA VAL B 136 8.40 -17.12 14.93
C VAL B 136 8.18 -16.12 16.04
N SER B 137 6.93 -15.97 16.45
CA SER B 137 6.63 -15.01 17.49
C SER B 137 6.01 -15.71 18.69
N GLN B 138 6.69 -15.65 19.84
CA GLN B 138 6.17 -16.22 21.08
C GLN B 138 5.64 -15.10 21.95
N LEU B 139 4.32 -15.02 22.04
CA LEU B 139 3.70 -13.90 22.75
C LEU B 139 3.56 -14.29 24.22
N TYR B 140 4.70 -14.58 24.85
CA TYR B 140 4.75 -14.87 26.28
C TYR B 140 6.12 -14.58 26.85
N GLN B 141 6.12 -14.10 28.08
CA GLN B 141 7.28 -13.40 28.66
C GLN B 141 8.54 -14.27 28.75
N PRO B 142 8.48 -15.41 29.46
CA PRO B 142 9.70 -16.22 29.41
C PRO B 142 9.62 -17.17 28.22
N GLU B 143 10.27 -16.78 27.13
CA GLU B 143 10.30 -17.57 25.93
C GLU B 143 11.34 -18.67 26.07
N ASN B 144 11.18 -19.73 25.28
CA ASN B 144 12.23 -20.73 25.13
C ASN B 144 12.83 -20.61 23.74
N HIS B 145 14.14 -20.39 23.67
CA HIS B 145 14.78 -20.28 22.36
C HIS B 145 14.62 -21.62 21.63
N LEU B 146 13.97 -21.57 20.48
CA LEU B 146 13.64 -22.77 19.72
C LEU B 146 14.80 -23.22 18.85
N GLY B 147 15.70 -22.30 18.55
CA GLY B 147 16.84 -22.61 17.69
C GLY B 147 16.48 -22.84 16.24
N LEU B 148 15.40 -22.24 15.77
CA LEU B 148 15.05 -22.32 14.36
C LEU B 148 15.81 -21.32 13.50
N HIS B 149 15.88 -21.60 12.20
CA HIS B 149 16.55 -20.72 11.26
C HIS B 149 15.62 -20.55 10.07
N GLN B 150 15.73 -19.41 9.38
CA GLN B 150 14.89 -19.17 8.22
C GLN B 150 15.20 -20.17 7.12
N ALA B 151 14.15 -20.58 6.41
CA ALA B 151 14.29 -21.55 5.35
C ALA B 151 14.94 -22.87 5.80
N GLU B 152 14.97 -23.10 7.12
CA GLU B 152 15.35 -24.39 7.67
C GLU B 152 14.07 -25.13 7.98
N PRO B 153 13.88 -26.32 7.39
CA PRO B 153 12.69 -27.11 7.63
C PRO B 153 12.65 -27.60 9.07
N ALA B 154 11.45 -27.86 9.58
CA ALA B 154 11.27 -28.31 10.94
C ALA B 154 9.96 -29.08 11.03
N GLU B 155 9.78 -29.81 12.12
CA GLU B 155 8.52 -30.48 12.40
C GLU B 155 7.97 -29.96 13.73
N ILE B 156 6.67 -29.69 13.76
CA ILE B 156 6.06 -29.18 14.97
C ILE B 156 5.12 -30.23 15.50
N LYS B 157 5.31 -30.57 16.77
CA LYS B 157 4.62 -31.68 17.41
C LYS B 157 3.33 -31.17 17.99
N TYR B 158 2.25 -31.93 17.85
CA TYR B 158 0.98 -31.52 18.44
C TYR B 158 0.36 -32.65 19.26
N ASP B 159 -0.50 -32.29 20.20
CA ASP B 159 -1.45 -33.22 20.81
C ASP B 159 -2.73 -33.21 19.99
N TYR B 160 -3.17 -32.01 19.62
CA TYR B 160 -4.36 -31.80 18.79
C TYR B 160 -4.02 -30.91 17.60
N LEU B 161 -4.43 -31.33 16.41
CA LEU B 161 -4.24 -30.54 15.20
C LEU B 161 -5.58 -30.01 14.70
N ILE B 162 -5.64 -28.72 14.39
CA ILE B 162 -6.83 -28.11 13.76
C ILE B 162 -6.45 -27.57 12.37
N SER B 163 -6.88 -28.27 11.32
CA SER B 163 -6.44 -27.94 9.95
C SER B 163 -7.45 -27.01 9.27
N ALA B 164 -7.01 -25.78 8.95
CA ALA B 164 -7.88 -24.80 8.30
C ALA B 164 -7.10 -24.01 7.26
N VAL B 165 -6.48 -24.72 6.34
CA VAL B 165 -5.63 -24.07 5.34
C VAL B 165 -6.42 -23.65 4.10
N GLY B 166 -7.74 -23.86 4.16
CA GLY B 166 -8.60 -23.41 3.07
C GLY B 166 -8.36 -24.19 1.80
N ALA B 167 -8.58 -23.52 0.67
CA ALA B 167 -8.44 -24.17 -0.62
C ALA B 167 -7.80 -23.18 -1.59
N GLU B 168 -7.48 -23.65 -2.80
CA GLU B 168 -6.78 -22.81 -3.75
C GLU B 168 -7.54 -22.76 -5.09
N PRO B 169 -7.34 -21.68 -5.87
CA PRO B 169 -8.13 -21.48 -7.10
C PRO B 169 -8.07 -22.64 -8.09
N ASN B 170 -9.23 -22.99 -8.63
CA ASN B 170 -9.34 -24.08 -9.59
C ASN B 170 -9.38 -23.53 -11.01
N THR B 171 -8.47 -23.99 -11.86
CA THR B 171 -8.53 -23.61 -13.29
C THR B 171 -9.35 -24.60 -14.14
N PHE B 172 -9.73 -25.74 -13.55
CA PHE B 172 -10.36 -26.82 -14.30
C PHE B 172 -9.55 -27.27 -15.51
N GLY B 173 -8.23 -27.12 -15.44
CA GLY B 173 -7.37 -27.51 -16.55
C GLY B 173 -7.52 -26.67 -17.81
N ILE B 174 -8.28 -25.57 -17.76
CA ILE B 174 -8.37 -24.68 -18.92
C ILE B 174 -6.98 -24.08 -19.19
N PRO B 175 -6.50 -24.20 -20.43
CA PRO B 175 -5.13 -23.72 -20.71
C PRO B 175 -5.03 -22.20 -20.62
N GLY B 176 -3.93 -21.71 -20.06
CA GLY B 176 -3.63 -20.29 -20.06
C GLY B 176 -4.12 -19.45 -18.87
N VAL B 177 -5.03 -20.00 -18.06
CA VAL B 177 -5.62 -19.15 -17.02
C VAL B 177 -4.59 -18.71 -15.99
N THR B 178 -3.75 -19.64 -15.59
CA THR B 178 -2.67 -19.34 -14.66
C THR B 178 -1.67 -18.33 -15.23
N ASP B 179 -1.28 -18.49 -16.48
CA ASP B 179 -0.30 -17.61 -17.08
C ASP B 179 -0.85 -16.22 -17.43
N TYR B 180 -2.10 -16.12 -17.84
CA TYR B 180 -2.55 -14.90 -18.46
C TYR B 180 -3.67 -14.16 -17.73
N GLY B 181 -4.27 -14.84 -16.75
CA GLY B 181 -5.34 -14.26 -15.96
C GLY B 181 -4.91 -13.96 -14.52
N HIS B 182 -5.82 -13.40 -13.74
CA HIS B 182 -5.57 -13.19 -12.32
C HIS B 182 -6.63 -13.91 -11.54
N PHE B 183 -6.24 -14.58 -10.46
CA PHE B 183 -7.26 -15.04 -9.51
C PHE B 183 -7.68 -13.86 -8.65
N LEU B 184 -8.75 -14.04 -7.88
CA LEU B 184 -9.14 -13.04 -6.91
C LEU B 184 -9.33 -13.76 -5.58
N LYS B 185 -8.24 -14.00 -4.87
CA LYS B 185 -8.26 -14.91 -3.74
C LYS B 185 -7.48 -14.37 -2.54
N GLU B 186 -6.41 -13.63 -2.83
CA GLU B 186 -5.52 -13.10 -1.80
C GLU B 186 -5.14 -11.65 -2.11
N ILE B 187 -4.68 -10.94 -1.09
CA ILE B 187 -4.26 -9.55 -1.27
C ILE B 187 -3.37 -9.30 -2.50
N PRO B 188 -2.33 -10.14 -2.72
CA PRO B 188 -1.51 -9.82 -3.90
C PRO B 188 -2.31 -9.81 -5.23
N ASN B 189 -3.41 -10.57 -5.31
CA ASN B 189 -4.20 -10.59 -6.52
C ASN B 189 -4.80 -9.22 -6.79
N SER B 190 -5.20 -8.55 -5.71
CA SER B 190 -5.83 -7.24 -5.80
C SER B 190 -4.82 -6.23 -6.37
N LEU B 191 -3.60 -6.29 -5.87
CA LEU B 191 -2.51 -5.47 -6.38
C LEU B 191 -2.26 -5.77 -7.85
N GLU B 192 -2.14 -7.06 -8.19
CA GLU B 192 -1.85 -7.50 -9.56
C GLU B 192 -2.94 -6.97 -10.49
N ILE B 193 -4.20 -7.18 -10.11
CA ILE B 193 -5.32 -6.71 -10.94
C ILE B 193 -5.24 -5.21 -11.19
N ARG B 194 -4.99 -4.44 -10.12
CA ARG B 194 -4.91 -2.98 -10.27
C ARG B 194 -3.77 -2.59 -11.23
N ARG B 195 -2.63 -3.23 -11.05
CA ARG B 195 -1.43 -2.91 -11.83
C ARG B 195 -1.68 -3.21 -13.32
N THR B 196 -2.34 -4.33 -13.61
CA THR B 196 -2.67 -4.67 -14.99
C THR B 196 -3.65 -3.66 -15.61
N PHE B 197 -4.74 -3.40 -14.92
CA PHE B 197 -5.76 -2.51 -15.48
C PHE B 197 -5.21 -1.08 -15.62
N ALA B 198 -4.47 -0.60 -14.61
CA ALA B 198 -3.93 0.76 -14.66
C ALA B 198 -2.97 0.91 -15.84
N ALA B 199 -2.13 -0.11 -16.03
CA ALA B 199 -1.16 -0.09 -17.13
C ALA B 199 -1.91 -0.08 -18.45
N ASN B 200 -2.96 -0.92 -18.55
CA ASN B 200 -3.78 -0.96 -19.76
C ASN B 200 -4.45 0.36 -20.07
N LEU B 201 -4.96 1.03 -19.03
CA LEU B 201 -5.58 2.36 -19.21
C LEU B 201 -4.58 3.39 -19.79
N GLU B 202 -3.35 3.34 -19.31
CA GLU B 202 -2.34 4.26 -19.79
C GLU B 202 -2.02 4.04 -21.27
N LYS B 203 -1.78 2.79 -21.67
CA LYS B 203 -1.44 2.47 -23.03
C LYS B 203 -2.59 2.80 -23.94
N ALA B 204 -3.80 2.45 -23.52
CA ALA B 204 -4.98 2.64 -24.35
C ALA B 204 -5.18 4.11 -24.66
N ASN B 205 -4.91 4.96 -23.67
CA ASN B 205 -5.23 6.38 -23.83
C ASN B 205 -4.29 7.05 -24.83
N LEU B 206 -3.16 6.41 -25.13
CA LEU B 206 -2.18 6.93 -26.08
C LEU B 206 -2.56 6.56 -27.52
N LEU B 207 -3.46 5.59 -27.66
CA LEU B 207 -3.94 5.12 -28.96
C LEU B 207 -5.13 5.97 -29.37
N PRO B 208 -5.35 6.09 -30.70
CA PRO B 208 -6.46 6.95 -31.14
C PRO B 208 -7.77 6.24 -30.98
N LYS B 209 -8.85 6.98 -30.71
CA LYS B 209 -10.18 6.42 -30.56
C LYS B 209 -10.50 5.55 -31.77
N GLY B 210 -11.09 4.38 -31.51
CA GLY B 210 -11.46 3.47 -32.59
C GLY B 210 -10.40 2.44 -32.90
N ASP B 211 -9.19 2.64 -32.38
CA ASP B 211 -8.15 1.63 -32.56
C ASP B 211 -8.60 0.34 -31.86
N PRO B 212 -8.48 -0.80 -32.54
CA PRO B 212 -8.97 -2.07 -32.01
C PRO B 212 -8.12 -2.51 -30.82
N GLU B 213 -6.84 -2.16 -30.84
CA GLU B 213 -5.95 -2.48 -29.73
C GLU B 213 -6.33 -1.66 -28.50
N ARG B 214 -6.78 -0.44 -28.74
CA ARG B 214 -7.24 0.42 -27.66
C ARG B 214 -8.46 -0.25 -27.03
N ARG B 215 -9.35 -0.72 -27.90
CA ARG B 215 -10.57 -1.41 -27.46
C ARG B 215 -10.24 -2.64 -26.64
N ARG B 216 -9.20 -3.37 -27.06
CA ARG B 216 -8.81 -4.57 -26.36
C ARG B 216 -8.29 -4.26 -24.96
N LEU B 217 -7.39 -3.27 -24.87
CA LEU B 217 -6.80 -2.85 -23.61
C LEU B 217 -7.86 -2.35 -22.63
N LEU B 218 -8.97 -1.83 -23.15
CA LEU B 218 -10.01 -1.31 -22.28
C LEU B 218 -11.08 -2.35 -21.96
N SER B 219 -10.83 -3.60 -22.31
CA SER B 219 -11.82 -4.63 -22.05
C SER B 219 -11.38 -5.55 -20.90
N ILE B 220 -12.32 -5.84 -20.02
CA ILE B 220 -12.06 -6.71 -18.87
C ILE B 220 -13.01 -7.89 -18.94
N VAL B 221 -12.47 -9.09 -18.70
CA VAL B 221 -13.29 -10.28 -18.65
C VAL B 221 -13.23 -10.87 -17.24
N VAL B 222 -14.41 -11.01 -16.63
CA VAL B 222 -14.52 -11.68 -15.35
C VAL B 222 -15.19 -13.04 -15.59
N VAL B 223 -14.50 -14.12 -15.23
CA VAL B 223 -15.02 -15.45 -15.46
C VAL B 223 -15.54 -16.01 -14.15
N GLY B 224 -16.83 -16.33 -14.13
CA GLY B 224 -17.47 -16.83 -12.92
C GLY B 224 -18.56 -15.88 -12.47
N GLY B 225 -19.80 -16.34 -12.57
CA GLY B 225 -20.95 -15.53 -12.21
C GLY B 225 -21.45 -15.76 -10.79
N GLY B 226 -20.58 -16.24 -9.91
CA GLY B 226 -20.93 -16.33 -8.49
C GLY B 226 -20.79 -14.92 -7.93
N PRO B 227 -21.09 -14.73 -6.64
CA PRO B 227 -20.97 -13.40 -6.02
C PRO B 227 -19.55 -12.79 -6.10
N THR B 228 -18.50 -13.60 -6.11
CA THR B 228 -17.16 -13.06 -6.26
C THR B 228 -16.95 -12.37 -7.63
N GLY B 229 -17.31 -13.08 -8.71
CA GLY B 229 -17.20 -12.51 -10.05
C GLY B 229 -18.12 -11.31 -10.24
N VAL B 230 -19.35 -11.43 -9.77
CA VAL B 230 -20.31 -10.35 -9.87
C VAL B 230 -19.84 -9.09 -9.14
N GLU B 231 -19.38 -9.27 -7.90
CA GLU B 231 -18.97 -8.13 -7.09
C GLU B 231 -17.72 -7.50 -7.66
N ALA B 232 -16.83 -8.33 -8.20
CA ALA B 232 -15.62 -7.85 -8.87
C ALA B 232 -15.97 -6.97 -10.07
N ALA B 233 -16.86 -7.49 -10.92
CA ALA B 233 -17.35 -6.78 -12.11
C ALA B 233 -18.05 -5.46 -11.73
N GLY B 234 -18.91 -5.51 -10.72
CA GLY B 234 -19.62 -4.33 -10.29
C GLY B 234 -18.70 -3.26 -9.73
N GLU B 235 -17.67 -3.67 -9.00
CA GLU B 235 -16.74 -2.70 -8.40
C GLU B 235 -15.90 -2.03 -9.49
N LEU B 236 -15.42 -2.82 -10.44
CA LEU B 236 -14.66 -2.24 -11.58
C LEU B 236 -15.51 -1.25 -12.37
N GLN B 237 -16.77 -1.61 -12.58
CA GLN B 237 -17.68 -0.72 -13.30
C GLN B 237 -17.90 0.54 -12.47
N ASP B 238 -17.92 0.39 -11.15
CA ASP B 238 -18.08 1.54 -10.27
C ASP B 238 -16.93 2.52 -10.44
N TYR B 239 -15.71 2.00 -10.41
CA TYR B 239 -14.52 2.82 -10.60
C TYR B 239 -14.59 3.56 -11.94
N VAL B 240 -14.90 2.81 -12.99
CA VAL B 240 -14.88 3.36 -14.34
C VAL B 240 -15.94 4.46 -14.49
N HIS B 241 -17.13 4.20 -13.98
CA HIS B 241 -18.21 5.14 -14.16
C HIS B 241 -18.13 6.32 -13.22
N GLN B 242 -17.67 6.13 -11.98
CA GLN B 242 -17.69 7.21 -11.00
C GLN B 242 -16.41 8.05 -10.98
N ASP B 243 -15.28 7.41 -11.22
CA ASP B 243 -14.00 8.06 -10.99
C ASP B 243 -13.27 8.35 -12.30
N LEU B 244 -12.93 7.30 -13.04
CA LEU B 244 -12.25 7.45 -14.32
C LEU B 244 -12.99 8.43 -15.23
N ARG B 245 -14.32 8.33 -15.23
CA ARG B 245 -15.16 9.19 -16.06
C ARG B 245 -14.95 10.69 -15.78
N LYS B 246 -14.68 11.04 -14.53
CA LYS B 246 -14.46 12.43 -14.15
C LYS B 246 -13.27 13.05 -14.87
N PHE B 247 -12.26 12.27 -15.22
CA PHE B 247 -11.12 12.93 -15.82
C PHE B 247 -10.78 12.46 -17.23
N LEU B 248 -11.18 11.24 -17.56
CA LEU B 248 -10.94 10.71 -18.90
C LEU B 248 -12.24 10.11 -19.47
N PRO B 249 -13.26 10.94 -19.70
CA PRO B 249 -14.60 10.39 -19.97
C PRO B 249 -14.69 9.60 -21.26
N ALA B 250 -13.92 9.99 -22.28
CA ALA B 250 -13.94 9.25 -23.53
C ALA B 250 -13.43 7.83 -23.29
N LEU B 251 -12.35 7.75 -22.51
CA LEU B 251 -11.73 6.48 -22.22
C LEU B 251 -12.69 5.61 -21.41
N ALA B 252 -13.28 6.21 -20.37
CA ALA B 252 -14.24 5.49 -19.55
C ALA B 252 -15.40 4.92 -20.38
N GLU B 253 -15.88 5.70 -21.34
CA GLU B 253 -17.02 5.27 -22.12
C GLU B 253 -16.70 4.05 -22.97
N GLU B 254 -15.44 3.91 -23.37
CA GLU B 254 -15.03 2.76 -24.18
C GLU B 254 -14.70 1.49 -23.40
N VAL B 255 -14.53 1.55 -22.07
CA VAL B 255 -14.24 0.29 -21.40
C VAL B 255 -15.44 -0.63 -21.46
N GLN B 256 -15.16 -1.92 -21.61
CA GLN B 256 -16.21 -2.92 -21.66
C GLN B 256 -15.85 -4.03 -20.71
N ILE B 257 -16.70 -4.24 -19.71
CA ILE B 257 -16.54 -5.36 -18.79
C ILE B 257 -17.45 -6.51 -19.24
N HIS B 258 -16.90 -7.71 -19.28
CA HIS B 258 -17.67 -8.91 -19.59
C HIS B 258 -17.72 -9.82 -18.34
N LEU B 259 -18.91 -10.32 -18.02
CA LEU B 259 -19.07 -11.37 -17.00
C LEU B 259 -19.46 -12.66 -17.76
N VAL B 260 -18.63 -13.68 -17.65
CA VAL B 260 -18.88 -14.94 -18.35
C VAL B 260 -19.24 -16.05 -17.36
N GLU B 261 -20.40 -16.65 -17.54
CA GLU B 261 -20.91 -17.65 -16.61
C GLU B 261 -21.46 -18.85 -17.38
N ALA B 262 -21.03 -20.04 -16.98
CA ALA B 262 -21.38 -21.28 -17.68
C ALA B 262 -22.86 -21.66 -17.54
N LEU B 263 -23.43 -21.38 -16.37
CA LEU B 263 -24.82 -21.75 -16.09
C LEU B 263 -25.78 -20.78 -16.75
N PRO B 264 -27.09 -21.08 -16.71
CA PRO B 264 -28.05 -20.18 -17.37
C PRO B 264 -28.38 -18.92 -16.58
N ILE B 265 -27.98 -18.85 -15.31
CA ILE B 265 -28.20 -17.62 -14.51
C ILE B 265 -26.98 -17.30 -13.64
N VAL B 266 -26.87 -16.03 -13.23
CA VAL B 266 -25.83 -15.65 -12.27
C VAL B 266 -26.37 -15.87 -10.86
N LEU B 267 -25.46 -15.94 -9.89
CA LEU B 267 -25.84 -15.98 -8.48
C LEU B 267 -26.88 -17.09 -8.19
N ASN B 268 -26.59 -18.30 -8.66
CA ASN B 268 -27.55 -19.40 -8.59
C ASN B 268 -27.84 -19.87 -7.16
N MET B 269 -27.11 -19.37 -6.17
CA MET B 269 -27.45 -19.72 -4.80
C MET B 269 -28.58 -18.86 -4.24
N PHE B 270 -28.98 -17.80 -4.94
CA PHE B 270 -30.14 -17.00 -4.51
C PHE B 270 -31.40 -17.49 -5.24
N GLU B 271 -32.57 -17.01 -4.80
CA GLU B 271 -33.80 -17.21 -5.58
C GLU B 271 -33.63 -16.63 -6.97
N LYS B 272 -34.24 -17.29 -7.96
CA LYS B 272 -34.15 -16.86 -9.36
C LYS B 272 -34.57 -15.42 -9.57
N LYS B 273 -35.53 -14.92 -8.76
CA LYS B 273 -35.97 -13.54 -8.98
C LYS B 273 -34.89 -12.53 -8.61
N LEU B 274 -34.01 -12.91 -7.69
CA LEU B 274 -32.92 -12.02 -7.29
C LEU B 274 -31.82 -12.11 -8.33
N SER B 275 -31.58 -13.33 -8.83
CA SER B 275 -30.68 -13.49 -9.97
C SER B 275 -31.11 -12.63 -11.16
N SER B 276 -32.42 -12.62 -11.40
CA SER B 276 -32.99 -11.94 -12.56
C SER B 276 -32.83 -10.42 -12.41
N TYR B 277 -33.10 -9.93 -11.20
CA TYR B 277 -32.83 -8.54 -10.84
C TYR B 277 -31.33 -8.19 -11.03
N ALA B 278 -30.46 -9.06 -10.52
CA ALA B 278 -29.02 -8.80 -10.58
C ALA B 278 -28.58 -8.67 -12.01
N GLN B 279 -28.98 -9.63 -12.82
CA GLN B 279 -28.59 -9.61 -14.22
C GLN B 279 -29.00 -8.33 -14.93
N SER B 280 -30.28 -7.97 -14.85
CA SER B 280 -30.77 -6.74 -15.48
C SER B 280 -30.00 -5.54 -14.98
N HIS B 281 -29.73 -5.51 -13.68
CA HIS B 281 -28.99 -4.40 -13.11
C HIS B 281 -27.59 -4.32 -13.71
N LEU B 282 -26.89 -5.46 -13.71
CA LEU B 282 -25.54 -5.48 -14.29
C LEU B 282 -25.54 -4.97 -15.74
N GLU B 283 -26.47 -5.49 -16.55
CA GLU B 283 -26.60 -5.05 -17.95
C GLU B 283 -26.92 -3.57 -18.04
N ASN B 284 -27.76 -3.08 -17.14
CA ASN B 284 -28.06 -1.66 -17.10
C ASN B 284 -26.84 -0.77 -16.76
N THR B 285 -25.87 -1.30 -16.02
CA THR B 285 -24.64 -0.55 -15.75
C THR B 285 -23.60 -0.71 -16.86
N SER B 286 -23.98 -1.43 -17.93
CA SER B 286 -23.20 -1.63 -19.18
C SER B 286 -22.23 -2.82 -19.15
N ILE B 287 -22.36 -3.69 -18.15
CA ILE B 287 -21.57 -4.91 -18.15
C ILE B 287 -22.23 -5.86 -19.16
N LYS B 288 -21.44 -6.57 -19.95
CA LYS B 288 -22.00 -7.52 -20.89
C LYS B 288 -21.99 -8.88 -20.19
N VAL B 289 -23.16 -9.47 -19.98
CA VAL B 289 -23.24 -10.76 -19.29
C VAL B 289 -23.46 -11.91 -20.25
N HIS B 290 -22.51 -12.85 -20.28
CA HIS B 290 -22.61 -13.97 -21.21
C HIS B 290 -23.03 -15.22 -20.44
N LEU B 291 -24.31 -15.55 -20.48
CA LEU B 291 -24.78 -16.76 -19.77
C LEU B 291 -24.64 -18.01 -20.65
N ARG B 292 -24.77 -19.18 -20.02
CA ARG B 292 -24.58 -20.45 -20.71
C ARG B 292 -23.26 -20.46 -21.48
N THR B 293 -22.27 -19.72 -21.00
CA THR B 293 -21.00 -19.60 -21.71
C THR B 293 -19.78 -19.99 -20.86
N ALA B 294 -18.90 -20.79 -21.43
CA ALA B 294 -17.73 -21.24 -20.70
C ALA B 294 -16.51 -20.79 -21.46
N VAL B 295 -15.49 -20.38 -20.72
CA VAL B 295 -14.20 -20.08 -21.36
C VAL B 295 -13.51 -21.42 -21.53
N ALA B 296 -13.17 -21.76 -22.77
CA ALA B 296 -12.62 -23.07 -23.10
C ALA B 296 -11.11 -23.02 -23.21
N LYS B 297 -10.60 -21.82 -23.55
CA LYS B 297 -9.17 -21.62 -23.71
C LYS B 297 -8.82 -20.14 -23.53
N VAL B 298 -7.66 -19.88 -22.94
CA VAL B 298 -7.18 -18.52 -22.73
C VAL B 298 -5.81 -18.37 -23.34
N GLU B 299 -5.68 -17.36 -24.19
CA GLU B 299 -4.37 -16.94 -24.67
C GLU B 299 -4.01 -15.59 -24.09
N GLU B 300 -2.82 -15.11 -24.42
CA GLU B 300 -2.30 -13.88 -23.84
C GLU B 300 -3.20 -12.67 -24.08
N LYS B 301 -3.77 -12.58 -25.27
CA LYS B 301 -4.53 -11.37 -25.63
C LYS B 301 -5.96 -11.63 -26.04
N GLN B 302 -6.36 -12.90 -25.99
CA GLN B 302 -7.71 -13.23 -26.34
C GLN B 302 -8.04 -14.55 -25.69
N LEU B 303 -9.32 -14.85 -25.59
CA LEU B 303 -9.75 -16.11 -25.03
C LEU B 303 -10.92 -16.63 -25.85
N LEU B 304 -11.17 -17.92 -25.72
CA LEU B 304 -12.20 -18.56 -26.50
C LEU B 304 -13.35 -18.92 -25.58
N ALA B 305 -14.52 -18.37 -25.90
CA ALA B 305 -15.73 -18.60 -25.12
C ALA B 305 -16.76 -19.37 -25.97
N LYS B 306 -17.36 -20.40 -25.37
CA LYS B 306 -18.34 -21.24 -26.06
C LYS B 306 -19.68 -21.20 -25.36
N THR B 307 -20.72 -20.89 -26.12
CA THR B 307 -22.07 -20.85 -25.60
C THR B 307 -22.88 -22.09 -25.99
N LYS B 308 -23.36 -22.82 -24.98
CA LYS B 308 -24.30 -23.90 -25.19
C LYS B 308 -25.73 -23.37 -25.04
N HIS B 309 -26.37 -23.12 -26.18
CA HIS B 309 -27.72 -22.59 -26.19
C HIS B 309 -28.77 -23.56 -25.68
N GLU B 310 -29.96 -23.04 -25.42
CA GLU B 310 -31.03 -23.81 -24.79
C GLU B 310 -31.47 -25.01 -25.64
N ASP B 311 -31.24 -24.92 -26.95
CA ASP B 311 -31.65 -25.98 -27.88
C ASP B 311 -30.54 -27.00 -28.17
N GLY B 312 -29.38 -26.85 -27.53
CA GLY B 312 -28.31 -27.81 -27.68
C GLY B 312 -27.20 -27.38 -28.62
N LYS B 313 -27.47 -26.39 -29.47
CA LYS B 313 -26.47 -25.84 -30.37
C LYS B 313 -25.36 -25.07 -29.66
N ILE B 314 -24.13 -25.23 -30.15
CA ILE B 314 -22.99 -24.58 -29.54
C ILE B 314 -22.45 -23.54 -30.50
N THR B 315 -22.33 -22.29 -30.04
CA THR B 315 -21.59 -21.27 -30.80
C THR B 315 -20.30 -20.84 -30.08
N GLU B 316 -19.38 -20.27 -30.86
CA GLU B 316 -18.07 -19.90 -30.36
C GLU B 316 -17.83 -18.41 -30.55
N GLU B 317 -17.08 -17.81 -29.62
CA GLU B 317 -16.67 -16.42 -29.80
C GLU B 317 -15.25 -16.19 -29.28
N THR B 318 -14.43 -15.54 -30.09
CA THR B 318 -13.10 -15.16 -29.67
C THR B 318 -13.18 -13.73 -29.08
N ILE B 319 -12.77 -13.59 -27.82
CA ILE B 319 -12.88 -12.31 -27.13
C ILE B 319 -11.50 -11.77 -26.74
N PRO B 320 -11.06 -10.69 -27.43
CA PRO B 320 -9.84 -9.96 -27.10
C PRO B 320 -10.04 -9.30 -25.73
N TYR B 321 -9.04 -9.35 -24.87
CA TYR B 321 -9.21 -8.83 -23.52
C TYR B 321 -7.91 -8.20 -23.09
N GLY B 322 -7.99 -7.22 -22.20
CA GLY B 322 -6.79 -6.63 -21.62
C GLY B 322 -6.54 -7.14 -20.21
N THR B 323 -7.63 -7.34 -19.46
CA THR B 323 -7.53 -7.86 -18.10
C THR B 323 -8.47 -9.03 -17.90
N LEU B 324 -7.95 -10.14 -17.37
CA LEU B 324 -8.75 -11.33 -17.14
C LEU B 324 -8.77 -11.67 -15.65
N ILE B 325 -9.97 -11.72 -15.08
CA ILE B 325 -10.12 -12.11 -13.71
C ILE B 325 -10.90 -13.43 -13.66
N TRP B 326 -10.28 -14.41 -13.01
CA TRP B 326 -10.79 -15.76 -13.00
C TRP B 326 -11.33 -16.12 -11.63
N ALA B 327 -12.65 -16.23 -11.52
CA ALA B 327 -13.27 -16.53 -10.23
C ALA B 327 -14.22 -17.74 -10.30
N THR B 328 -13.68 -18.94 -10.54
CA THR B 328 -14.53 -20.13 -10.70
C THR B 328 -14.45 -21.18 -9.59
N GLY B 329 -14.21 -20.77 -8.35
CA GLY B 329 -14.22 -21.74 -7.27
C GLY B 329 -12.85 -22.36 -7.05
N ASN B 330 -12.75 -23.23 -6.04
CA ASN B 330 -11.46 -23.70 -5.55
C ASN B 330 -11.32 -25.21 -5.52
N LYS B 331 -10.13 -25.68 -5.19
CA LYS B 331 -9.86 -27.10 -5.09
C LYS B 331 -8.88 -27.31 -3.94
N ALA B 332 -8.73 -28.57 -3.54
CA ALA B 332 -7.92 -28.91 -2.37
C ALA B 332 -6.47 -28.56 -2.61
N ARG B 333 -5.81 -28.12 -1.55
CA ARG B 333 -4.37 -27.86 -1.58
C ARG B 333 -3.53 -29.16 -1.50
N PRO B 334 -2.29 -29.09 -2.00
CA PRO B 334 -1.40 -30.27 -2.03
C PRO B 334 -1.15 -30.88 -0.67
N VAL B 335 -0.98 -30.07 0.37
CA VAL B 335 -0.70 -30.62 1.69
C VAL B 335 -1.88 -31.48 2.17
N ILE B 336 -3.06 -31.17 1.65
CA ILE B 336 -4.29 -31.86 2.03
C ILE B 336 -4.46 -33.12 1.17
N THR B 337 -4.27 -32.99 -0.14
CA THR B 337 -4.37 -34.17 -1.01
C THR B 337 -3.34 -35.23 -0.60
N ASP B 338 -2.11 -34.79 -0.29
CA ASP B 338 -1.09 -35.68 0.25
C ASP B 338 -1.59 -36.43 1.49
N LEU B 339 -2.28 -35.72 2.37
CA LEU B 339 -2.82 -36.35 3.56
C LEU B 339 -3.91 -37.37 3.24
N PHE B 340 -4.68 -37.16 2.16
CA PHE B 340 -5.70 -38.15 1.74
C PHE B 340 -5.06 -39.54 1.71
N LYS B 341 -3.87 -39.60 1.11
CA LYS B 341 -3.13 -40.84 0.89
C LYS B 341 -2.62 -41.52 2.17
N LYS B 342 -2.25 -40.71 3.17
CA LYS B 342 -1.66 -41.23 4.40
C LYS B 342 -2.70 -41.80 5.36
N ILE B 343 -3.97 -41.58 5.05
CA ILE B 343 -5.02 -42.07 5.93
C ILE B 343 -5.99 -42.90 5.09
N PRO B 344 -6.07 -44.21 5.39
CA PRO B 344 -6.88 -45.21 4.68
C PRO B 344 -8.32 -44.74 4.47
N GLU B 345 -8.94 -44.24 5.54
CA GLU B 345 -10.30 -43.68 5.48
C GLU B 345 -10.47 -42.46 4.54
N GLN B 346 -9.37 -41.83 4.11
CA GLN B 346 -9.47 -40.60 3.32
C GLN B 346 -9.14 -40.82 1.87
N ASN B 347 -8.83 -42.05 1.49
CA ASN B 347 -8.34 -42.27 0.12
C ASN B 347 -9.38 -41.87 -0.95
N SER B 348 -10.66 -42.04 -0.63
CA SER B 348 -11.75 -41.64 -1.51
C SER B 348 -12.10 -40.14 -1.46
N SER B 349 -11.51 -39.41 -0.52
CA SER B 349 -11.73 -37.95 -0.44
C SER B 349 -11.24 -37.23 -1.70
N LYS B 350 -11.96 -36.17 -2.09
CA LYS B 350 -11.64 -35.44 -3.33
C LYS B 350 -11.68 -33.92 -3.12
N ARG B 351 -12.78 -33.43 -2.54
CA ARG B 351 -12.95 -31.98 -2.39
C ARG B 351 -12.25 -31.48 -1.15
N GLY B 352 -12.10 -32.36 -0.16
CA GLY B 352 -11.50 -31.98 1.10
C GLY B 352 -11.53 -33.16 2.04
N LEU B 353 -11.06 -32.93 3.27
CA LEU B 353 -10.97 -33.99 4.23
C LEU B 353 -12.36 -34.38 4.66
N ALA B 354 -12.57 -35.68 4.85
CA ALA B 354 -13.87 -36.15 5.33
C ALA B 354 -13.79 -36.17 6.83
N VAL B 355 -14.83 -35.63 7.47
CA VAL B 355 -14.88 -35.51 8.92
C VAL B 355 -16.15 -36.13 9.44
N ASN B 356 -16.16 -36.45 10.73
CA ASN B 356 -17.37 -36.96 11.36
C ASN B 356 -18.24 -35.82 11.90
N ASP B 357 -19.23 -36.19 12.70
CA ASP B 357 -20.20 -35.27 13.29
C ASP B 357 -19.58 -34.25 14.21
N PHE B 358 -18.35 -34.52 14.64
CA PHE B 358 -17.70 -33.67 15.62
C PHE B 358 -16.50 -32.97 14.97
N LEU B 359 -16.47 -32.98 13.64
CA LEU B 359 -15.45 -32.30 12.84
C LEU B 359 -14.06 -32.90 13.02
N GLN B 360 -14.05 -34.14 13.49
CA GLN B 360 -12.86 -34.95 13.60
C GLN B 360 -12.55 -35.57 12.23
N VAL B 361 -11.30 -35.48 11.79
CA VAL B 361 -10.93 -36.09 10.53
C VAL B 361 -11.09 -37.62 10.66
N LYS B 362 -11.75 -38.24 9.68
CA LYS B 362 -12.01 -39.67 9.74
C LYS B 362 -10.72 -40.48 9.56
N GLY B 363 -10.47 -41.39 10.49
CA GLY B 363 -9.30 -42.23 10.40
C GLY B 363 -8.22 -41.68 11.30
N SER B 364 -8.60 -40.66 12.06
CA SER B 364 -7.64 -39.96 12.90
C SER B 364 -8.23 -39.76 14.27
N ASN B 365 -7.35 -39.80 15.27
CA ASN B 365 -7.79 -39.63 16.65
C ASN B 365 -7.74 -38.20 17.13
N ASN B 366 -6.89 -37.38 16.53
CA ASN B 366 -6.56 -36.08 17.10
C ASN B 366 -6.39 -34.94 16.06
N ILE B 367 -6.71 -35.24 14.80
CA ILE B 367 -6.83 -34.21 13.78
C ILE B 367 -8.29 -33.79 13.53
N PHE B 368 -8.53 -32.47 13.59
CA PHE B 368 -9.83 -31.90 13.25
C PHE B 368 -9.66 -31.03 12.00
N ALA B 369 -10.74 -30.80 11.27
CA ALA B 369 -10.69 -30.01 10.04
C ALA B 369 -11.94 -29.16 9.88
N ILE B 370 -11.74 -27.86 9.71
CA ILE B 370 -12.83 -26.90 9.49
C ILE B 370 -12.58 -26.04 8.24
N GLY B 371 -13.63 -25.39 7.75
CA GLY B 371 -13.53 -24.55 6.59
C GLY B 371 -13.40 -25.31 5.28
N ASP B 372 -12.87 -24.62 4.27
CA ASP B 372 -12.80 -25.14 2.92
C ASP B 372 -11.92 -26.38 2.75
N ASN B 373 -11.01 -26.64 3.67
CA ASN B 373 -10.16 -27.82 3.52
C ASN B 373 -10.85 -29.13 3.99
N ALA B 374 -12.02 -28.98 4.64
CA ALA B 374 -12.86 -30.13 5.02
C ALA B 374 -14.13 -30.14 4.19
N PHE B 375 -14.63 -31.33 3.89
CA PHE B 375 -15.89 -31.42 3.15
C PHE B 375 -16.92 -32.30 3.82
N ALA B 376 -18.05 -31.70 4.20
CA ALA B 376 -19.17 -32.43 4.78
C ALA B 376 -20.50 -32.07 4.09
N GLY B 377 -20.45 -31.78 2.79
CA GLY B 377 -21.64 -31.48 2.01
C GLY B 377 -22.12 -30.05 2.10
N LEU B 378 -21.61 -29.32 3.08
CA LEU B 378 -21.97 -27.90 3.25
C LEU B 378 -21.25 -26.98 2.24
N PRO B 379 -21.83 -25.81 1.95
CA PRO B 379 -21.17 -24.90 1.00
C PRO B 379 -19.85 -24.37 1.58
N PRO B 380 -18.85 -24.16 0.73
CA PRO B 380 -17.56 -23.65 1.20
C PRO B 380 -17.66 -22.12 1.36
N THR B 381 -18.12 -21.69 2.54
CA THR B 381 -18.27 -20.28 2.81
C THR B 381 -17.65 -19.90 4.15
N ALA B 382 -17.38 -18.60 4.28
CA ALA B 382 -16.88 -18.05 5.53
C ALA B 382 -17.86 -18.36 6.65
N GLN B 383 -19.15 -18.28 6.33
CA GLN B 383 -20.22 -18.47 7.29
C GLN B 383 -20.12 -19.89 7.89
N VAL B 384 -19.95 -20.89 7.04
CA VAL B 384 -19.74 -22.26 7.53
C VAL B 384 -18.44 -22.40 8.35
N ALA B 385 -17.36 -21.79 7.86
CA ALA B 385 -16.07 -21.89 8.54
C ALA B 385 -16.17 -21.28 9.94
N HIS B 386 -16.82 -20.13 10.02
CA HIS B 386 -16.94 -19.43 11.28
C HIS B 386 -17.77 -20.25 12.30
N GLN B 387 -18.84 -20.89 11.84
CA GLN B 387 -19.68 -21.66 12.75
C GLN B 387 -18.98 -22.94 13.20
N GLU B 388 -18.32 -23.62 12.26
CA GLU B 388 -17.48 -24.76 12.60
C GLU B 388 -16.45 -24.41 13.68
N ALA B 389 -15.75 -23.29 13.51
CA ALA B 389 -14.71 -22.90 14.44
C ALA B 389 -15.26 -22.69 15.84
N GLU B 390 -16.42 -22.05 15.92
CA GLU B 390 -16.96 -21.70 17.23
C GLU B 390 -17.50 -22.96 17.89
N TYR B 391 -18.09 -23.84 17.09
CA TYR B 391 -18.54 -25.13 17.58
C TYR B 391 -17.35 -25.94 18.10
N LEU B 392 -16.27 -26.00 17.32
CA LEU B 392 -15.12 -26.81 17.70
C LEU B 392 -14.49 -26.31 19.00
N ALA B 393 -14.38 -25.00 19.14
CA ALA B 393 -13.78 -24.43 20.34
C ALA B 393 -14.62 -24.71 21.60
N LYS B 394 -15.95 -24.72 21.49
CA LYS B 394 -16.80 -25.08 22.61
C LYS B 394 -16.50 -26.52 23.02
N ASN B 395 -16.47 -27.43 22.04
CA ASN B 395 -16.12 -28.82 22.32
C ASN B 395 -14.77 -28.97 23.04
N PHE B 396 -13.81 -28.12 22.71
CA PHE B 396 -12.56 -28.13 23.42
C PHE B 396 -12.70 -27.68 24.86
N ASP B 397 -13.61 -26.73 25.11
CA ASP B 397 -13.92 -26.34 26.49
C ASP B 397 -14.41 -27.55 27.29
N LYS B 398 -15.24 -28.38 26.66
CA LYS B 398 -15.79 -29.55 27.31
C LYS B 398 -14.76 -30.66 27.50
N MET B 399 -13.97 -30.93 26.47
CA MET B 399 -12.89 -31.92 26.57
C MET B 399 -11.96 -31.61 27.76
N ALA B 400 -11.85 -30.34 28.13
CA ALA B 400 -10.97 -29.93 29.23
C ALA B 400 -11.60 -30.19 30.60
N GLN B 401 -12.84 -30.67 30.60
CA GLN B 401 -13.56 -30.98 31.84
C GLN B 401 -13.71 -32.48 32.00
N ILE B 402 -13.12 -33.23 31.07
CA ILE B 402 -13.23 -34.68 31.04
C ILE B 402 -11.84 -35.26 30.88
N PRO B 403 -11.22 -35.66 32.00
CA PRO B 403 -9.81 -36.06 32.10
C PRO B 403 -9.40 -37.06 31.02
N ASN B 404 -10.36 -37.84 30.57
CA ASN B 404 -10.11 -38.95 29.66
C ASN B 404 -9.60 -38.57 28.27
N PHE B 405 -10.05 -37.44 27.75
CA PHE B 405 -9.61 -36.97 26.44
C PHE B 405 -8.10 -36.75 26.47
N GLN B 406 -7.66 -36.07 27.53
CA GLN B 406 -6.25 -35.90 27.84
C GLN B 406 -5.49 -37.23 27.78
N LYS B 407 -6.10 -38.26 28.37
CA LYS B 407 -5.47 -39.58 28.49
C LYS B 407 -5.32 -40.33 27.16
N ASN B 408 -6.37 -40.35 26.34
CA ASN B 408 -6.34 -41.14 25.10
C ASN B 408 -5.20 -40.76 24.13
N LEU B 409 -4.66 -39.56 24.30
CA LEU B 409 -3.47 -39.14 23.56
C LEU B 409 -2.30 -40.06 23.89
N SER B 410 -2.18 -40.41 25.17
CA SER B 410 -1.11 -41.28 25.68
C SER B 410 -1.34 -42.76 25.30
N SER B 411 -2.59 -43.21 25.41
CA SER B 411 -2.98 -44.56 25.02
C SER B 411 -2.67 -44.86 23.55
N ARG B 412 -2.61 -46.14 23.20
CA ARG B 412 -2.37 -46.55 21.81
C ARG B 412 -3.68 -46.84 21.08
N LYS B 413 -4.75 -47.00 21.87
CA LYS B 413 -6.08 -47.14 21.30
C LYS B 413 -6.71 -45.77 21.08
N ASP B 414 -7.26 -45.57 19.89
CA ASP B 414 -7.89 -44.30 19.53
C ASP B 414 -9.39 -44.34 19.91
N LYS B 415 -9.73 -43.64 21.00
CA LYS B 415 -11.07 -43.71 21.56
C LYS B 415 -11.73 -42.33 21.63
N ILE B 416 -11.13 -41.33 21.00
CA ILE B 416 -11.65 -39.97 21.08
C ILE B 416 -13.04 -39.80 20.44
N ASP B 417 -13.24 -40.41 19.26
CA ASP B 417 -14.56 -40.41 18.61
C ASP B 417 -15.62 -41.11 19.47
N LEU B 418 -15.21 -42.18 20.16
CA LEU B 418 -16.06 -42.88 21.12
C LEU B 418 -16.37 -41.96 22.28
N LEU B 419 -15.35 -41.26 22.75
CA LEU B 419 -15.50 -40.35 23.87
C LEU B 419 -16.53 -39.26 23.59
N PHE B 420 -16.65 -38.87 22.31
CA PHE B 420 -17.59 -37.83 21.94
C PHE B 420 -19.02 -38.31 22.11
N GLU B 421 -19.35 -39.43 21.47
CA GLU B 421 -20.67 -40.04 21.66
C GLU B 421 -20.96 -40.37 23.13
N GLU B 422 -19.99 -41.02 23.79
CA GLU B 422 -20.16 -41.50 25.16
C GLU B 422 -20.39 -40.39 26.17
N ASN B 423 -19.95 -39.17 25.86
CA ASN B 423 -20.20 -38.03 26.73
C ASN B 423 -21.33 -37.18 26.18
N ASN B 424 -21.92 -37.66 25.10
CA ASN B 424 -23.06 -36.99 24.46
C ASN B 424 -22.79 -35.52 24.11
N PHE B 425 -21.69 -35.32 23.40
CA PHE B 425 -21.43 -34.08 22.69
C PHE B 425 -22.46 -34.02 21.57
N LYS B 426 -23.05 -32.85 21.34
CA LYS B 426 -23.93 -32.74 20.18
C LYS B 426 -23.08 -32.62 18.91
N PRO B 427 -23.54 -33.21 17.80
CA PRO B 427 -22.85 -33.06 16.51
C PRO B 427 -22.94 -31.62 16.02
N PHE B 428 -22.07 -31.26 15.08
CA PHE B 428 -22.13 -29.92 14.52
C PHE B 428 -23.40 -29.76 13.70
N LYS B 429 -24.14 -28.69 13.97
CA LYS B 429 -25.30 -28.36 13.13
C LYS B 429 -25.17 -26.95 12.54
N TYR B 430 -24.99 -26.88 11.22
CA TYR B 430 -24.91 -25.60 10.52
C TYR B 430 -26.28 -24.89 10.48
N ASN B 431 -26.29 -23.59 10.77
CA ASN B 431 -27.49 -22.77 10.65
C ASN B 431 -27.26 -21.72 9.56
N ASP B 432 -27.81 -21.94 8.37
CA ASP B 432 -27.67 -21.00 7.27
C ASP B 432 -28.31 -19.65 7.59
N LEU B 433 -27.52 -18.58 7.60
CA LEU B 433 -28.01 -17.25 7.93
C LEU B 433 -28.35 -16.40 6.70
N GLY B 434 -28.15 -16.96 5.52
CA GLY B 434 -28.43 -16.24 4.30
C GLY B 434 -27.16 -15.82 3.56
N ALA B 435 -27.29 -14.84 2.66
CA ALA B 435 -26.22 -14.53 1.72
C ALA B 435 -26.41 -13.12 1.20
N LEU B 436 -25.34 -12.49 0.73
CA LEU B 436 -25.39 -11.11 0.23
C LEU B 436 -24.46 -10.93 -0.95
N ALA B 437 -24.82 -10.04 -1.85
CA ALA B 437 -23.99 -9.75 -3.01
C ALA B 437 -24.18 -8.27 -3.41
N TYR B 438 -23.07 -7.53 -3.53
CA TYR B 438 -23.10 -6.16 -4.05
C TYR B 438 -23.09 -6.24 -5.57
N LEU B 439 -23.79 -5.33 -6.25
CA LEU B 439 -23.94 -5.43 -7.70
C LEU B 439 -23.37 -4.23 -8.45
N GLY B 440 -22.69 -3.34 -7.73
CA GLY B 440 -22.24 -2.12 -8.37
C GLY B 440 -23.37 -1.10 -8.34
N SER B 441 -22.99 0.18 -8.53
CA SER B 441 -23.92 1.31 -8.51
C SER B 441 -24.90 1.33 -7.36
N GLU B 442 -24.42 1.06 -6.14
CA GLU B 442 -25.24 1.20 -4.94
C GLU B 442 -26.45 0.29 -4.94
N ARG B 443 -26.33 -0.91 -5.49
CA ARG B 443 -27.40 -1.88 -5.36
C ARG B 443 -26.82 -3.20 -4.86
N ALA B 444 -27.57 -3.89 -3.99
CA ALA B 444 -27.17 -5.21 -3.52
C ALA B 444 -28.40 -6.10 -3.48
N ILE B 445 -28.19 -7.40 -3.33
CA ILE B 445 -29.27 -8.31 -2.97
C ILE B 445 -28.90 -8.96 -1.66
N ALA B 446 -29.88 -9.38 -0.90
CA ALA B 446 -29.61 -9.96 0.41
C ALA B 446 -30.79 -10.83 0.84
N THR B 447 -30.47 -12.00 1.35
CA THR B 447 -31.44 -12.84 2.02
C THR B 447 -30.89 -13.17 3.40
N ILE B 448 -31.58 -12.70 4.45
CA ILE B 448 -31.20 -12.96 5.84
C ILE B 448 -32.12 -13.99 6.51
N ARG B 449 -31.54 -15.08 6.98
CA ARG B 449 -32.32 -16.21 7.49
C ARG B 449 -31.85 -16.62 8.88
N SER B 450 -32.63 -17.49 9.50
CA SER B 450 -32.21 -18.27 10.66
C SER B 450 -33.20 -19.40 10.81
N GLY B 451 -32.73 -20.64 10.73
CA GLY B 451 -33.64 -21.76 10.75
C GLY B 451 -34.54 -21.73 9.53
N LYS B 452 -35.83 -21.93 9.73
CA LYS B 452 -36.77 -21.96 8.63
C LYS B 452 -37.30 -20.56 8.34
N ARG B 453 -36.96 -19.63 9.22
CA ARG B 453 -37.45 -18.26 9.10
C ARG B 453 -36.60 -17.37 8.19
N THR B 454 -37.28 -16.60 7.34
CA THR B 454 -36.65 -15.57 6.54
C THR B 454 -37.04 -14.21 7.07
N PHE B 455 -36.04 -13.39 7.40
CA PHE B 455 -36.33 -12.08 7.98
C PHE B 455 -36.19 -11.00 6.95
N TYR B 456 -35.48 -11.29 5.86
CA TYR B 456 -35.22 -10.29 4.84
C TYR B 456 -34.80 -10.98 3.56
N THR B 457 -35.35 -10.52 2.44
CA THR B 457 -34.95 -11.04 1.15
C THR B 457 -35.43 -10.09 0.07
N GLY B 458 -34.47 -9.51 -0.65
CA GLY B 458 -34.81 -8.47 -1.60
C GLY B 458 -33.57 -7.86 -2.21
N GLY B 459 -33.76 -6.79 -2.98
CA GLY B 459 -32.68 -6.13 -3.66
C GLY B 459 -33.01 -4.67 -3.74
N GLY B 460 -31.96 -3.85 -3.91
CA GLY B 460 -32.15 -2.43 -4.10
C GLY B 460 -31.14 -1.54 -3.41
N LEU B 461 -31.54 -0.28 -3.26
CA LEU B 461 -30.69 0.77 -2.69
C LEU B 461 -30.56 0.58 -1.20
N MET B 462 -31.69 0.42 -0.54
CA MET B 462 -31.68 0.15 0.90
C MET B 462 -30.94 -1.15 1.19
N THR B 463 -31.07 -2.13 0.30
CA THR B 463 -30.36 -3.39 0.49
C THR B 463 -28.85 -3.17 0.49
N PHE B 464 -28.39 -2.22 -0.32
CA PHE B 464 -26.97 -1.85 -0.37
C PHE B 464 -26.50 -1.26 0.96
N TYR B 465 -27.30 -0.37 1.56
CA TYR B 465 -26.99 0.13 2.90
C TYR B 465 -26.98 -0.98 3.93
N LEU B 466 -27.90 -1.93 3.78
CA LEU B 466 -27.92 -3.08 4.67
C LEU B 466 -26.62 -3.90 4.47
N TRP B 467 -26.24 -4.13 3.23
CA TRP B 467 -25.01 -4.84 2.87
C TRP B 467 -23.79 -4.27 3.62
N ARG B 468 -23.67 -2.94 3.59
CA ARG B 468 -22.57 -2.25 4.26
C ARG B 468 -22.59 -2.45 5.77
N ILE B 469 -23.76 -2.24 6.37
CA ILE B 469 -23.92 -2.39 7.81
C ILE B 469 -23.62 -3.81 8.28
N LEU B 470 -24.14 -4.81 7.58
CA LEU B 470 -23.91 -6.19 7.94
C LEU B 470 -22.44 -6.57 7.82
N TYR B 471 -21.80 -6.19 6.72
CA TYR B 471 -20.38 -6.48 6.54
C TYR B 471 -19.55 -5.88 7.68
N LEU B 472 -19.82 -4.61 7.99
CA LEU B 472 -19.14 -3.97 9.10
C LEU B 472 -19.29 -4.80 10.36
N SER B 473 -20.47 -5.38 10.54
CA SER B 473 -20.77 -6.20 11.73
C SER B 473 -19.96 -7.46 11.77
N MET B 474 -19.66 -8.01 10.59
CA MET B 474 -19.04 -9.33 10.53
C MET B 474 -17.50 -9.25 10.57
N ILE B 475 -16.94 -8.05 10.46
CA ILE B 475 -15.50 -7.91 10.50
C ILE B 475 -15.05 -8.35 11.91
N LEU B 476 -13.92 -9.05 11.99
CA LEU B 476 -13.49 -9.72 13.21
C LEU B 476 -12.73 -8.82 14.22
N SER B 477 -12.35 -7.62 13.80
CA SER B 477 -11.61 -6.73 14.69
C SER B 477 -12.09 -5.29 14.60
N ALA B 478 -11.93 -4.55 15.70
CA ALA B 478 -12.30 -3.15 15.77
C ALA B 478 -11.46 -2.26 14.82
N ARG B 479 -10.18 -2.57 14.69
CA ARG B 479 -9.28 -1.79 13.85
C ARG B 479 -9.76 -1.82 12.37
N SER B 480 -9.94 -3.04 11.87
CA SER B 480 -10.31 -3.25 10.48
C SER B 480 -11.70 -2.63 10.24
N ARG B 481 -12.57 -2.79 11.21
CA ARG B 481 -13.90 -2.21 11.15
C ARG B 481 -13.83 -0.68 11.05
N LEU B 482 -12.97 -0.05 11.85
CA LEU B 482 -12.85 1.41 11.80
C LEU B 482 -12.30 1.86 10.45
N LYS B 483 -11.29 1.13 9.94
CA LYS B 483 -10.64 1.49 8.68
C LYS B 483 -11.57 1.37 7.47
N VAL B 484 -12.36 0.29 7.45
CA VAL B 484 -13.32 0.13 6.35
C VAL B 484 -14.34 1.28 6.41
N PHE B 485 -14.79 1.56 7.62
CA PHE B 485 -15.74 2.64 7.86
C PHE B 485 -15.14 3.97 7.35
N PHE B 486 -13.90 4.26 7.71
CA PHE B 486 -13.22 5.45 7.17
C PHE B 486 -13.09 5.43 5.64
N ASP B 487 -12.77 4.28 5.06
CA ASP B 487 -12.68 4.19 3.61
C ASP B 487 -14.00 4.62 2.95
N TRP B 488 -15.11 4.17 3.52
CA TRP B 488 -16.42 4.45 2.94
C TRP B 488 -16.77 5.92 3.07
N ILE B 489 -16.47 6.51 4.22
CA ILE B 489 -16.68 7.95 4.42
C ILE B 489 -15.90 8.81 3.42
N LYS B 490 -14.63 8.45 3.20
CA LYS B 490 -13.81 9.19 2.26
C LYS B 490 -14.40 9.06 0.85
N LEU B 491 -14.95 7.89 0.59
CA LEU B 491 -15.55 7.58 -0.69
C LEU B 491 -16.75 8.47 -0.96
N ALA B 492 -17.46 8.88 0.10
CA ALA B 492 -18.54 9.85 -0.04
C ALA B 492 -18.11 11.18 -0.63
N PHE B 493 -16.86 11.56 -0.41
CA PHE B 493 -16.40 12.91 -0.78
C PHE B 493 -15.39 12.92 -1.93
N PHE B 494 -14.65 11.83 -2.07
CA PHE B 494 -13.49 11.83 -2.96
C PHE B 494 -13.45 10.62 -3.86
N LYS B 495 -12.68 10.71 -4.94
CA LYS B 495 -12.46 9.56 -5.80
C LYS B 495 -11.60 8.48 -5.10
N ARG B 496 -11.86 7.23 -5.47
CA ARG B 496 -11.05 6.11 -5.03
C ARG B 496 -9.56 6.33 -5.31
N ASP B 497 -8.69 5.91 -4.40
CA ASP B 497 -7.26 5.82 -4.70
C ASP B 497 -7.02 4.70 -5.69
N PHE B 498 -6.33 4.99 -6.78
CA PHE B 498 -6.07 3.98 -7.78
C PHE B 498 -4.64 4.14 -8.24
N PHE B 499 -3.69 3.77 -7.37
CA PHE B 499 -2.29 3.91 -7.75
C PHE B 499 -1.75 2.60 -8.27
N LYS B 500 -0.99 2.70 -9.35
CA LYS B 500 -0.40 1.57 -10.02
C LYS B 500 0.60 0.84 -9.12
N GLY B 501 1.43 1.59 -8.41
CA GLY B 501 2.48 0.96 -7.62
C GLY B 501 2.31 1.05 -6.11
N LEU B 502 1.06 1.18 -5.66
CA LEU B 502 0.82 1.34 -4.23
C LEU B 502 -0.45 0.61 -3.74
#